data_5UJS
#
_entry.id   5UJS
#
_cell.length_a   130.258
_cell.length_b   86.024
_cell.length_c   80.421
_cell.angle_alpha   90.00
_cell.angle_beta   109.28
_cell.angle_gamma   90.00
#
_symmetry.space_group_name_H-M   'C 1 2 1'
#
loop_
_entity.id
_entity.type
_entity.pdbx_description
1 polymer 'UDP-N-acetylglucosamine 1-carboxyvinyltransferase'
2 non-polymer 'CHLORIDE ION'
3 water water
#
_entity_poly.entity_id   1
_entity_poly.type   'polypeptide(L)'
_entity_poly.pdbx_seq_one_letter_code
;MHHHHHHSSGVDLGTENLYFQSNAMTYLEIEGTNHLSGNVTISGAKNAALPLIVSSILAKNEVKINNVPNVADIKTLISL
LENLGAKVNFQNNSALLNTNTLNQTIAKYDIVRKMRASILTLGPLLARFGHCEVSLPGGCAIGQRPIDLHLLALEKMGAN
IQIKQGYVVASGNLKGNEILFDKITVTGSENIIMAAALAKGKTKLLNVAKEPEVVQLCEVLKDAGLEIKGIGTDELEIYG
SDGELLEFKEFSVIPDRIEAGTYLCAGAITNSKITLDKVNATHLSAVLAKLHQMGFETLITEDSITLLPAKEIKPVEIMT
SEYPGFPTDMQAQFMALALKANGTSIIDERLFENRFMHVSELLRMGADIKLNGHIATIVGGKELNAADVMATDLRASSAL
ILAALAAKGTSKVHRIYHLDRGYENLEEKFKDLGAKITRLEE
;
_entity_poly.pdbx_strand_id   A,B
#
loop_
_chem_comp.id
_chem_comp.type
_chem_comp.name
_chem_comp.formula
CL non-polymer 'CHLORIDE ION' 'Cl -1'
#
# COMPACT_ATOMS: atom_id res chain seq x y z
N ASN A 23 -6.64 22.45 -25.00
CA ASN A 23 -6.62 21.96 -23.59
C ASN A 23 -6.05 20.53 -23.56
N ALA A 24 -4.89 20.37 -24.20
CA ALA A 24 -4.20 19.07 -24.28
C ALA A 24 -3.07 18.98 -23.24
N MET A 25 -2.20 17.99 -23.39
CA MET A 25 -1.07 17.82 -22.44
C MET A 25 0.04 18.85 -22.66
N THR A 26 0.69 19.24 -21.56
CA THR A 26 1.78 20.22 -21.59
C THR A 26 2.96 19.71 -20.79
N TYR A 27 4.11 20.37 -20.93
CA TYR A 27 5.32 20.00 -20.19
C TYR A 27 6.08 21.27 -19.79
N LEU A 28 7.04 21.11 -18.88
CA LEU A 28 7.84 22.23 -18.39
C LEU A 28 9.28 22.17 -18.89
N GLU A 29 9.77 23.32 -19.37
CA GLU A 29 11.15 23.45 -19.82
C GLU A 29 11.81 24.28 -18.73
N ILE A 30 12.86 23.74 -18.11
CA ILE A 30 13.52 24.43 -17.00
C ILE A 30 15.01 24.56 -17.25
N GLU A 31 15.51 25.81 -17.20
CA GLU A 31 16.93 26.05 -17.37
C GLU A 31 17.57 25.93 -16.00
N GLY A 32 18.74 25.30 -15.93
CA GLY A 32 19.45 25.14 -14.66
C GLY A 32 19.85 26.51 -14.13
N THR A 33 19.16 26.93 -13.07
CA THR A 33 19.34 28.22 -12.46
C THR A 33 20.63 28.35 -11.64
N ASN A 34 21.19 29.55 -11.67
CA ASN A 34 22.37 29.87 -10.89
C ASN A 34 21.97 30.30 -9.48
N HIS A 35 20.90 31.10 -9.33
N HIS A 35 20.88 31.07 -9.34
CA HIS A 35 20.49 31.55 -8.01
CA HIS A 35 20.48 31.53 -8.03
C HIS A 35 19.04 32.08 -7.98
C HIS A 35 19.04 32.08 -7.98
N LEU A 36 18.36 31.83 -6.87
CA LEU A 36 16.98 32.29 -6.63
C LEU A 36 17.00 33.47 -5.62
N SER A 37 15.85 34.13 -5.47
CA SER A 37 15.66 35.26 -4.53
C SER A 37 14.22 35.71 -4.52
N GLY A 38 13.78 36.32 -3.42
CA GLY A 38 12.41 36.83 -3.28
C GLY A 38 11.53 36.09 -2.27
N ASN A 39 10.22 36.23 -2.45
CA ASN A 39 9.21 35.62 -1.59
C ASN A 39 8.23 34.75 -2.37
N VAL A 40 7.72 33.73 -1.68
CA VAL A 40 6.72 32.81 -2.23
C VAL A 40 5.65 32.63 -1.15
N THR A 41 4.39 32.86 -1.52
CA THR A 41 3.27 32.70 -0.58
C THR A 41 2.84 31.23 -0.62
N ILE A 42 2.71 30.61 0.55
CA ILE A 42 2.28 29.21 0.63
C ILE A 42 0.77 29.15 0.64
N SER A 43 0.21 28.27 -0.19
CA SER A 43 -1.23 28.11 -0.28
C SER A 43 -1.79 27.27 0.86
N GLY A 44 -3.12 27.25 0.95
CA GLY A 44 -3.80 26.45 1.94
C GLY A 44 -3.69 24.97 1.55
N ALA A 45 -3.55 24.11 2.56
CA ALA A 45 -3.39 22.67 2.33
C ALA A 45 -4.60 22.01 1.70
N LYS A 46 -4.38 21.44 0.51
CA LYS A 46 -5.42 20.68 -0.19
C LYS A 46 -5.95 19.54 0.71
N ASN A 47 -5.06 18.84 1.41
CA ASN A 47 -5.44 17.70 2.28
C ASN A 47 -6.21 18.09 3.54
N ALA A 48 -6.17 19.36 3.91
CA ALA A 48 -6.97 19.82 5.05
C ALA A 48 -8.33 20.23 4.50
N ALA A 49 -8.30 21.02 3.42
CA ALA A 49 -9.51 21.55 2.76
C ALA A 49 -10.54 20.45 2.40
N LEU A 50 -10.06 19.32 1.89
CA LEU A 50 -10.99 18.22 1.53
C LEU A 50 -11.82 17.71 2.74
N PRO A 51 -11.16 17.37 3.86
CA PRO A 51 -12.02 16.93 4.96
C PRO A 51 -12.90 18.07 5.50
N LEU A 52 -12.38 19.30 5.53
CA LEU A 52 -13.14 20.48 6.02
C LEU A 52 -14.39 20.82 5.19
N ILE A 53 -14.33 20.49 3.90
CA ILE A 53 -15.50 20.72 3.01
C ILE A 53 -16.50 19.58 3.25
N VAL A 54 -16.01 18.34 3.37
CA VAL A 54 -16.88 17.20 3.65
C VAL A 54 -17.57 17.39 5.02
N SER A 55 -16.89 18.07 5.95
CA SER A 55 -17.45 18.31 7.27
C SER A 55 -18.67 19.29 7.27
N SER A 56 -18.93 20.01 6.17
CA SER A 56 -20.11 20.93 6.15
C SER A 56 -21.41 20.10 6.14
N ILE A 57 -21.29 18.81 5.83
CA ILE A 57 -22.41 17.85 5.91
C ILE A 57 -22.94 17.83 7.36
N LEU A 58 -22.07 18.13 8.32
CA LEU A 58 -22.42 18.17 9.74
C LEU A 58 -22.88 19.59 10.22
N ALA A 59 -22.97 20.57 9.30
CA ALA A 59 -23.37 21.93 9.69
C ALA A 59 -24.83 22.28 9.36
N LYS A 60 -25.61 22.68 10.35
CA LYS A 60 -27.01 23.08 10.08
C LYS A 60 -27.10 24.42 9.35
N ASN A 61 -26.07 25.26 9.44
CA ASN A 61 -26.08 26.56 8.74
C ASN A 61 -24.89 26.73 7.80
N GLU A 62 -24.78 27.94 7.23
CA GLU A 62 -23.72 28.29 6.29
C GLU A 62 -22.32 28.20 6.92
N VAL A 63 -21.43 27.49 6.22
CA VAL A 63 -20.04 27.33 6.62
C VAL A 63 -19.17 28.18 5.70
N LYS A 64 -18.27 28.97 6.28
CA LYS A 64 -17.33 29.81 5.51
C LYS A 64 -15.95 29.24 5.69
N ILE A 65 -15.26 29.01 4.57
CA ILE A 65 -13.91 28.46 4.59
C ILE A 65 -12.99 29.28 3.68
N ASN A 66 -11.91 29.77 4.26
CA ASN A 66 -10.95 30.59 3.53
C ASN A 66 -9.63 29.89 3.28
N ASN A 67 -8.76 30.56 2.52
CA ASN A 67 -7.44 30.07 2.13
C ASN A 67 -7.56 28.64 1.54
N VAL A 68 -8.48 28.52 0.58
CA VAL A 68 -8.76 27.25 -0.08
C VAL A 68 -8.09 27.21 -1.44
N PRO A 69 -7.21 26.19 -1.67
CA PRO A 69 -6.53 26.13 -2.96
C PRO A 69 -7.49 25.83 -4.11
N ASN A 70 -7.28 26.51 -5.23
CA ASN A 70 -8.12 26.33 -6.40
C ASN A 70 -7.61 25.16 -7.25
N VAL A 71 -7.82 23.93 -6.80
CA VAL A 71 -7.37 22.75 -7.55
C VAL A 71 -8.53 21.84 -7.92
N ALA A 72 -8.29 20.97 -8.89
CA ALA A 72 -9.30 20.03 -9.42
C ALA A 72 -10.12 19.26 -8.38
N ASP A 73 -9.44 18.69 -7.39
CA ASP A 73 -10.14 17.91 -6.37
C ASP A 73 -11.08 18.75 -5.54
N ILE A 74 -10.71 19.99 -5.27
CA ILE A 74 -11.58 20.90 -4.51
C ILE A 74 -12.86 21.15 -5.30
N LYS A 75 -12.71 21.50 -6.57
CA LYS A 75 -13.87 21.79 -7.42
C LYS A 75 -14.80 20.58 -7.55
N THR A 76 -14.22 19.40 -7.76
CA THR A 76 -15.00 18.16 -7.90
C THR A 76 -15.83 17.89 -6.65
N LEU A 77 -15.21 18.03 -5.48
CA LEU A 77 -15.90 17.81 -4.22
C LEU A 77 -17.08 18.78 -4.06
N ILE A 78 -16.83 20.07 -4.30
CA ILE A 78 -17.88 21.09 -4.22
C ILE A 78 -19.06 20.71 -5.15
N SER A 79 -18.73 20.32 -6.38
CA SER A 79 -19.73 19.90 -7.36
C SER A 79 -20.47 18.63 -6.93
N LEU A 80 -19.83 17.75 -6.16
CA LEU A 80 -20.50 16.53 -5.66
C LEU A 80 -21.56 16.95 -4.64
N LEU A 81 -21.20 17.87 -3.73
CA LEU A 81 -22.15 18.37 -2.72
C LEU A 81 -23.31 19.13 -3.38
N GLU A 82 -23.04 19.81 -4.49
CA GLU A 82 -24.09 20.50 -5.22
C GLU A 82 -25.05 19.46 -5.77
N ASN A 83 -24.52 18.38 -6.37
CA ASN A 83 -25.34 17.29 -6.91
C ASN A 83 -26.22 16.61 -5.86
N LEU A 84 -25.81 16.67 -4.60
CA LEU A 84 -26.61 16.08 -3.52
C LEU A 84 -27.59 17.09 -2.88
N GLY A 85 -27.68 18.31 -3.42
CA GLY A 85 -28.59 19.30 -2.88
C GLY A 85 -27.97 20.54 -2.26
N ALA A 86 -26.75 20.43 -1.77
CA ALA A 86 -26.10 21.58 -1.12
C ALA A 86 -25.98 22.80 -2.02
N LYS A 87 -26.16 23.97 -1.42
CA LYS A 87 -26.06 25.26 -2.11
C LYS A 87 -24.60 25.67 -1.95
N VAL A 88 -23.89 25.92 -3.04
CA VAL A 88 -22.46 26.25 -2.98
C VAL A 88 -21.99 27.46 -3.81
N ASN A 89 -20.78 27.92 -3.48
CA ASN A 89 -20.13 29.00 -4.18
C ASN A 89 -18.63 28.87 -3.89
N PHE A 90 -17.77 29.20 -4.87
CA PHE A 90 -16.32 29.15 -4.69
C PHE A 90 -15.56 30.17 -5.56
N GLN A 91 -14.99 31.18 -4.91
CA GLN A 91 -14.27 32.28 -5.58
C GLN A 91 -13.17 32.87 -4.69
N ASN A 92 -12.05 33.26 -5.30
CA ASN A 92 -10.91 33.84 -4.60
C ASN A 92 -10.46 33.00 -3.37
N ASN A 93 -10.37 31.70 -3.58
CA ASN A 93 -9.94 30.75 -2.52
C ASN A 93 -10.82 30.74 -1.27
N SER A 94 -12.10 31.10 -1.45
CA SER A 94 -13.08 31.13 -0.35
C SER A 94 -14.35 30.41 -0.79
N ALA A 95 -14.83 29.48 0.04
CA ALA A 95 -16.02 28.69 -0.27
C ALA A 95 -17.17 28.91 0.71
N LEU A 96 -18.40 28.84 0.19
CA LEU A 96 -19.60 28.98 1.01
C LEU A 96 -20.36 27.67 0.87
N LEU A 97 -20.65 27.03 1.99
CA LEU A 97 -21.34 25.78 1.98
C LEU A 97 -22.54 25.82 2.88
N ASN A 98 -23.67 25.33 2.37
CA ASN A 98 -24.87 25.24 3.16
C ASN A 98 -25.53 23.94 2.76
N THR A 99 -25.53 22.98 3.69
CA THR A 99 -26.12 21.67 3.44
C THR A 99 -27.52 21.51 4.04
N ASN A 100 -28.25 22.61 4.19
CA ASN A 100 -29.63 22.54 4.72
C ASN A 100 -30.51 21.75 3.76
N THR A 101 -30.25 21.92 2.46
CA THR A 101 -30.99 21.24 1.42
C THR A 101 -30.33 19.95 0.91
N LEU A 102 -29.31 19.46 1.60
CA LEU A 102 -28.63 18.22 1.17
C LEU A 102 -29.64 17.06 1.24
N ASN A 103 -29.98 16.49 0.07
CA ASN A 103 -31.07 15.49 -0.06
C ASN A 103 -30.70 14.00 0.00
N GLN A 104 -30.34 13.44 -1.16
CA GLN A 104 -30.04 12.03 -1.23
C GLN A 104 -28.59 11.81 -0.93
N THR A 105 -28.28 10.59 -0.51
CA THR A 105 -26.92 10.20 -0.21
C THR A 105 -26.35 9.28 -1.32
N ILE A 106 -27.04 9.23 -2.47
CA ILE A 106 -26.58 8.42 -3.61
C ILE A 106 -25.52 9.25 -4.35
N ALA A 107 -24.26 8.87 -4.18
CA ALA A 107 -23.11 9.60 -4.78
C ALA A 107 -22.19 8.70 -5.65
N LYS A 108 -22.78 8.06 -6.66
CA LYS A 108 -22.02 7.17 -7.55
C LYS A 108 -21.82 7.64 -9.00
N TYR A 109 -21.05 8.71 -9.17
CA TYR A 109 -20.73 9.23 -10.54
C TYR A 109 -19.30 8.75 -10.90
N ASP A 110 -18.76 9.20 -12.04
CA ASP A 110 -17.41 8.83 -12.47
C ASP A 110 -16.37 9.87 -12.06
N ILE A 111 -16.77 11.14 -11.95
CA ILE A 111 -15.84 12.18 -11.47
C ILE A 111 -15.53 11.85 -9.99
N VAL A 112 -16.53 11.28 -9.32
CA VAL A 112 -16.41 10.84 -7.93
C VAL A 112 -15.60 9.54 -7.82
N ARG A 113 -15.80 8.60 -8.74
CA ARG A 113 -15.07 7.34 -8.76
C ARG A 113 -13.55 7.57 -8.78
N LYS A 114 -13.11 8.46 -9.67
CA LYS A 114 -11.68 8.79 -9.79
C LYS A 114 -11.13 9.61 -8.63
N MET A 115 -11.99 10.33 -7.91
CA MET A 115 -11.53 11.14 -6.77
C MET A 115 -11.18 10.22 -5.56
N ARG A 116 -9.91 10.26 -5.15
CA ARG A 116 -9.45 9.45 -4.03
C ARG A 116 -10.04 9.87 -2.69
N ALA A 117 -10.18 11.17 -2.47
CA ALA A 117 -10.72 11.72 -1.22
C ALA A 117 -12.26 11.63 -1.09
N SER A 118 -12.95 11.11 -2.10
CA SER A 118 -14.40 10.97 -2.05
C SER A 118 -14.89 10.00 -0.96
N ILE A 119 -14.07 9.05 -0.53
CA ILE A 119 -14.52 8.15 0.55
C ILE A 119 -14.70 8.89 1.90
N LEU A 120 -14.15 10.10 2.00
CA LEU A 120 -14.34 10.95 3.19
C LEU A 120 -15.81 11.28 3.44
N THR A 121 -16.66 11.24 2.40
CA THR A 121 -18.09 11.56 2.57
C THR A 121 -18.94 10.43 3.15
N LEU A 122 -18.49 9.19 3.00
CA LEU A 122 -19.23 8.04 3.50
C LEU A 122 -19.63 8.19 4.95
N GLY A 123 -18.69 8.56 5.81
CA GLY A 123 -18.98 8.74 7.24
C GLY A 123 -20.08 9.77 7.55
N PRO A 124 -19.87 11.03 7.14
CA PRO A 124 -20.86 12.09 7.41
C PRO A 124 -22.26 11.78 6.87
N LEU A 125 -22.34 11.28 5.64
CA LEU A 125 -23.62 10.96 5.02
C LEU A 125 -24.34 9.78 5.68
N LEU A 126 -23.61 8.74 6.04
CA LEU A 126 -24.24 7.61 6.69
C LEU A 126 -24.73 8.04 8.07
N ALA A 127 -23.91 8.80 8.78
CA ALA A 127 -24.26 9.25 10.11
C ALA A 127 -25.47 10.18 10.10
N ARG A 128 -25.46 11.20 9.25
CA ARG A 128 -26.58 12.13 9.22
C ARG A 128 -27.87 11.54 8.64
N PHE A 129 -27.78 10.91 7.47
CA PHE A 129 -28.95 10.39 6.76
C PHE A 129 -29.35 8.91 6.97
N GLY A 130 -28.51 8.12 7.63
CA GLY A 130 -28.84 6.70 7.87
C GLY A 130 -28.49 5.71 6.78
N HIS A 131 -28.02 6.20 5.63
CA HIS A 131 -27.59 5.33 4.55
C HIS A 131 -26.90 6.17 3.50
N CYS A 132 -26.14 5.53 2.64
CA CYS A 132 -25.51 6.21 1.50
C CYS A 132 -24.85 5.21 0.56
N GLU A 133 -24.77 5.60 -0.71
CA GLU A 133 -24.10 4.81 -1.73
C GLU A 133 -22.99 5.64 -2.35
N VAL A 134 -21.77 5.11 -2.29
CA VAL A 134 -20.61 5.78 -2.86
C VAL A 134 -19.85 4.78 -3.71
N SER A 135 -19.20 5.28 -4.76
CA SER A 135 -18.38 4.45 -5.63
C SER A 135 -17.01 4.21 -5.00
N LEU A 136 -16.51 2.97 -5.09
CA LEU A 136 -15.19 2.61 -4.58
C LEU A 136 -14.15 3.43 -5.32
N PRO A 137 -13.26 4.12 -4.59
CA PRO A 137 -12.29 4.89 -5.36
C PRO A 137 -11.32 4.03 -6.19
N GLY A 138 -10.67 3.03 -5.59
CA GLY A 138 -9.69 2.23 -6.33
C GLY A 138 -8.51 3.16 -6.51
N GLY A 139 -8.16 3.46 -7.76
CA GLY A 139 -7.06 4.38 -8.04
C GLY A 139 -5.84 3.85 -8.76
N CYS A 140 -6.06 3.33 -9.97
CA CYS A 140 -4.99 2.75 -10.83
C CYS A 140 -4.29 1.46 -10.40
N ALA A 141 -4.40 1.07 -9.13
CA ALA A 141 -3.76 -0.15 -8.67
C ALA A 141 -4.54 -1.32 -9.24
N ILE A 142 -3.84 -2.38 -9.63
CA ILE A 142 -4.47 -3.56 -10.17
C ILE A 142 -4.99 -4.25 -8.93
N GLY A 143 -4.09 -4.70 -8.06
CA GLY A 143 -4.45 -5.37 -6.81
C GLY A 143 -4.85 -4.35 -5.74
N GLN A 144 -5.93 -4.62 -5.02
CA GLN A 144 -6.43 -3.73 -3.98
C GLN A 144 -6.22 -4.41 -2.64
N ARG A 145 -6.68 -3.76 -1.60
CA ARG A 145 -6.59 -4.25 -0.20
C ARG A 145 -6.88 -5.76 0.07
N ILE A 147 -9.40 -5.78 2.11
CA ILE A 147 -10.44 -5.28 3.01
C ILE A 147 -10.18 -3.81 3.35
N ASP A 148 -11.17 -2.95 3.12
CA ASP A 148 -10.99 -1.54 3.39
C ASP A 148 -11.19 -1.23 4.88
N LEU A 149 -10.27 -0.45 5.43
CA LEU A 149 -10.27 -0.07 6.87
C LEU A 149 -11.41 0.87 7.31
N HIS A 150 -11.98 1.61 6.36
CA HIS A 150 -13.08 2.49 6.66
C HIS A 150 -14.32 1.66 6.95
N LEU A 151 -14.53 0.62 6.17
CA LEU A 151 -15.72 -0.22 6.28
C LEU A 151 -15.80 -0.99 7.58
N LEU A 152 -14.67 -1.53 8.00
CA LEU A 152 -14.65 -2.29 9.26
C LEU A 152 -14.95 -1.32 10.40
N ALA A 153 -14.39 -0.12 10.33
CA ALA A 153 -14.59 0.91 11.36
C ALA A 153 -16.08 1.28 11.52
N LEU A 154 -16.75 1.51 10.41
CA LEU A 154 -18.17 1.84 10.45
C LEU A 154 -19.03 0.66 10.95
N GLU A 155 -18.60 -0.57 10.69
CA GLU A 155 -19.33 -1.75 11.21
C GLU A 155 -19.30 -1.80 12.72
N LYS A 156 -18.17 -1.38 13.30
CA LYS A 156 -18.01 -1.30 14.74
C LYS A 156 -18.98 -0.27 15.34
N MET A 157 -19.42 0.69 14.52
CA MET A 157 -20.40 1.69 14.98
C MET A 157 -21.84 1.27 14.62
N GLY A 158 -22.04 -0.01 14.32
CA GLY A 158 -23.36 -0.56 13.97
C GLY A 158 -23.78 -0.56 12.51
N ALA A 159 -22.94 -0.11 11.61
CA ALA A 159 -23.32 -0.03 10.21
C ALA A 159 -23.35 -1.35 9.46
N ASN A 160 -24.34 -1.49 8.58
N ASN A 160 -24.33 -1.49 8.57
CA ASN A 160 -24.47 -2.65 7.71
CA ASN A 160 -24.48 -2.66 7.71
C ASN A 160 -23.91 -2.26 6.34
C ASN A 160 -23.92 -2.27 6.35
N ILE A 161 -22.83 -2.95 5.96
CA ILE A 161 -22.13 -2.69 4.71
C ILE A 161 -22.27 -3.82 3.71
N GLN A 162 -22.31 -3.44 2.43
CA GLN A 162 -22.39 -4.38 1.31
C GLN A 162 -21.80 -3.77 0.04
N ILE A 163 -21.23 -4.68 -0.77
CA ILE A 163 -20.57 -4.33 -2.00
C ILE A 163 -21.29 -4.97 -3.16
N LYS A 164 -21.96 -4.17 -3.98
CA LYS A 164 -22.60 -4.65 -5.19
C LYS A 164 -22.00 -3.78 -6.33
N GLN A 165 -21.42 -4.46 -7.31
CA GLN A 165 -20.68 -3.82 -8.41
C GLN A 165 -19.44 -3.20 -7.76
N GLY A 166 -19.09 -1.97 -8.11
CA GLY A 166 -17.91 -1.33 -7.52
C GLY A 166 -18.35 -0.23 -6.59
N TYR A 167 -19.53 -0.39 -5.98
CA TYR A 167 -20.08 0.64 -5.07
C TYR A 167 -20.26 0.09 -3.67
N VAL A 168 -20.24 1.00 -2.71
CA VAL A 168 -20.44 0.65 -1.32
C VAL A 168 -21.85 1.07 -0.98
N VAL A 169 -22.63 0.16 -0.41
CA VAL A 169 -23.96 0.51 0.08
C VAL A 169 -23.92 0.40 1.61
N ALA A 170 -24.00 1.54 2.28
CA ALA A 170 -23.93 1.58 3.73
C ALA A 170 -25.29 1.93 4.31
N SER A 171 -25.61 1.37 5.47
CA SER A 171 -26.88 1.64 6.13
C SER A 171 -26.84 1.32 7.63
N GLY A 172 -27.84 1.80 8.36
CA GLY A 172 -27.95 1.61 9.81
C GLY A 172 -27.63 2.89 10.59
N ASN A 173 -28.08 2.94 11.85
CA ASN A 173 -27.86 4.10 12.72
C ASN A 173 -26.56 3.91 13.46
N LEU A 174 -25.72 4.94 13.47
CA LEU A 174 -24.41 4.86 14.10
C LEU A 174 -24.42 5.16 15.59
N LYS A 175 -23.69 4.33 16.32
CA LYS A 175 -23.57 4.45 17.76
C LYS A 175 -22.09 4.49 18.14
N GLY A 176 -21.80 5.19 19.24
CA GLY A 176 -20.44 5.32 19.72
C GLY A 176 -19.83 4.00 20.15
N ASN A 177 -18.51 3.89 19.99
CA ASN A 177 -17.83 2.66 20.35
C ASN A 177 -16.33 2.94 20.41
N GLU A 178 -15.59 2.00 20.99
CA GLU A 178 -14.14 2.13 21.06
C GLU A 178 -13.61 1.54 19.78
N ILE A 179 -12.91 2.36 19.00
CA ILE A 179 -12.38 1.91 17.73
C ILE A 179 -10.88 2.05 17.66
N LEU A 180 -10.23 0.96 17.27
CA LEU A 180 -8.79 0.91 17.14
C LEU A 180 -8.43 0.94 15.66
N PHE A 181 -7.54 1.85 15.28
CA PHE A 181 -7.06 1.89 13.91
C PHE A 181 -5.89 0.90 13.79
N ASP A 182 -6.05 -0.07 12.89
CA ASP A 182 -5.04 -1.13 12.66
C ASP A 182 -3.73 -0.49 12.21
N LYS A 183 -3.84 0.64 11.51
CA LYS A 183 -2.66 1.40 11.11
C LYS A 183 -3.01 2.90 11.15
N ILE A 184 -1.98 3.73 11.27
CA ILE A 184 -2.15 5.17 11.29
C ILE A 184 -2.71 5.59 9.94
N THR A 185 -3.94 6.07 9.91
CA THR A 185 -4.53 6.50 8.67
C THR A 185 -5.13 7.90 8.79
N VAL A 186 -4.66 8.81 7.96
CA VAL A 186 -5.14 10.18 7.95
C VAL A 186 -6.60 10.27 7.52
N THR A 187 -6.95 9.66 6.38
CA THR A 187 -8.34 9.75 5.90
C THR A 187 -9.32 8.93 6.74
N GLY A 188 -8.86 7.76 7.23
CA GLY A 188 -9.70 6.92 8.08
C GLY A 188 -10.09 7.67 9.34
N SER A 189 -9.12 8.36 9.93
CA SER A 189 -9.35 9.14 11.13
C SER A 189 -10.42 10.21 10.85
N GLU A 190 -10.19 10.99 9.80
CA GLU A 190 -11.09 12.08 9.42
C GLU A 190 -12.50 11.57 9.12
N ASN A 191 -12.57 10.44 8.44
CA ASN A 191 -13.84 9.85 8.07
C ASN A 191 -14.62 9.36 9.28
N ILE A 192 -13.92 8.77 10.25
CA ILE A 192 -14.56 8.26 11.48
C ILE A 192 -14.80 9.39 12.50
N ILE A 193 -13.93 10.40 12.52
CA ILE A 193 -14.17 11.56 13.40
C ILE A 193 -15.51 12.21 13.02
N MET A 194 -15.77 12.37 11.72
CA MET A 194 -17.01 13.00 11.28
C MET A 194 -18.22 12.10 11.52
N ALA A 195 -18.04 10.79 11.42
CA ALA A 195 -19.13 9.85 11.69
C ALA A 195 -19.49 9.87 13.17
N ALA A 196 -18.47 9.79 14.03
CA ALA A 196 -18.65 9.83 15.49
C ALA A 196 -19.33 11.10 15.95
N ALA A 197 -19.05 12.21 15.26
CA ALA A 197 -19.62 13.51 15.61
C ALA A 197 -21.15 13.50 15.74
N LEU A 198 -21.85 12.77 14.86
CA LEU A 198 -23.31 12.69 14.88
C LEU A 198 -23.89 11.39 15.43
N ALA A 199 -23.05 10.39 15.70
CA ALA A 199 -23.54 9.09 16.19
C ALA A 199 -24.15 9.23 17.58
N LYS A 200 -24.80 8.16 18.02
CA LYS A 200 -25.40 8.14 19.34
C LYS A 200 -24.35 7.70 20.34
N GLY A 201 -24.11 8.52 21.35
CA GLY A 201 -23.18 8.18 22.41
C GLY A 201 -21.72 8.55 22.20
N LYS A 202 -20.90 8.06 23.12
CA LYS A 202 -19.47 8.32 23.15
C LYS A 202 -18.63 7.33 22.35
N THR A 203 -17.70 7.90 21.58
CA THR A 203 -16.77 7.18 20.75
C THR A 203 -15.38 7.43 21.31
N LYS A 204 -14.54 6.40 21.27
CA LYS A 204 -13.16 6.52 21.69
C LYS A 204 -12.33 5.96 20.54
N LEU A 205 -11.43 6.79 20.03
CA LEU A 205 -10.56 6.42 18.92
C LEU A 205 -9.14 6.22 19.44
N LEU A 206 -8.50 5.15 18.98
CA LEU A 206 -7.14 4.78 19.41
C LEU A 206 -6.22 4.63 18.23
N ASN A 207 -4.96 5.03 18.39
CA ASN A 207 -3.96 4.98 17.31
C ASN A 207 -4.42 5.97 16.20
N VAL A 208 -4.79 7.16 16.62
CA VAL A 208 -5.27 8.20 15.72
C VAL A 208 -4.10 8.97 15.11
N ALA A 209 -4.19 9.26 13.82
CA ALA A 209 -3.14 10.04 13.15
C ALA A 209 -3.04 11.42 13.76
N LYS A 210 -1.82 11.90 13.98
CA LYS A 210 -1.60 13.22 14.59
C LYS A 210 -1.33 14.35 13.58
N GLU A 211 -1.46 14.10 12.28
CA GLU A 211 -1.18 15.15 11.27
C GLU A 211 -1.96 16.47 11.51
N PRO A 212 -1.34 17.63 11.20
CA PRO A 212 -2.05 18.92 11.39
C PRO A 212 -3.39 19.01 10.66
N GLU A 213 -3.54 18.27 9.58
CA GLU A 213 -4.78 18.23 8.82
C GLU A 213 -5.90 17.63 9.67
N VAL A 214 -5.60 16.54 10.41
CA VAL A 214 -6.57 15.91 11.30
C VAL A 214 -6.84 16.85 12.46
N VAL A 215 -5.79 17.45 13.01
CA VAL A 215 -5.94 18.38 14.10
C VAL A 215 -6.87 19.55 13.75
N GLN A 216 -6.75 20.15 12.56
CA GLN A 216 -7.62 21.27 12.22
C GLN A 216 -9.08 20.80 12.19
N LEU A 217 -9.33 19.66 11.57
CA LEU A 217 -10.69 19.11 11.52
C LEU A 217 -11.29 19.10 12.92
N CYS A 218 -10.58 18.49 13.86
CA CYS A 218 -11.05 18.43 15.23
C CYS A 218 -11.31 19.83 15.84
N GLU A 219 -10.38 20.76 15.62
CA GLU A 219 -10.48 22.13 16.16
C GLU A 219 -11.74 22.84 15.66
N VAL A 220 -12.00 22.72 14.36
CA VAL A 220 -13.19 23.29 13.74
C VAL A 220 -14.47 22.73 14.36
N LEU A 221 -14.53 21.40 14.53
CA LEU A 221 -15.71 20.76 15.11
C LEU A 221 -15.87 21.15 16.58
N LYS A 222 -14.75 21.29 17.29
CA LYS A 222 -14.79 21.70 18.70
C LYS A 222 -15.33 23.12 18.80
N ASP A 223 -14.83 23.98 17.91
CA ASP A 223 -15.23 25.36 17.88
C ASP A 223 -16.70 25.46 17.47
N ALA A 224 -17.17 24.44 16.77
CA ALA A 224 -18.56 24.39 16.33
C ALA A 224 -19.52 23.78 17.35
N GLY A 225 -19.03 23.40 18.54
CA GLY A 225 -19.88 22.84 19.60
C GLY A 225 -19.82 21.34 19.89
N LEU A 226 -18.86 20.61 19.30
CA LEU A 226 -18.74 19.16 19.55
C LEU A 226 -17.84 18.91 20.75
N GLU A 227 -18.28 18.04 21.67
CA GLU A 227 -17.45 17.66 22.82
C GLU A 227 -16.40 16.66 22.35
N ILE A 228 -15.14 17.09 22.31
CA ILE A 228 -14.04 16.27 21.86
C ILE A 228 -12.79 16.54 22.68
N LYS A 229 -12.17 15.46 23.17
CA LYS A 229 -10.96 15.55 24.00
C LYS A 229 -9.80 14.79 23.37
N GLY A 230 -8.58 15.24 23.68
CA GLY A 230 -7.36 14.62 23.17
C GLY A 230 -6.87 15.17 21.84
N ILE A 231 -7.40 16.31 21.41
CA ILE A 231 -6.97 16.90 20.13
C ILE A 231 -5.46 17.00 20.08
N GLY A 232 -4.90 16.55 18.96
CA GLY A 232 -3.46 16.58 18.74
C GLY A 232 -2.75 15.33 19.21
N THR A 233 -3.41 14.50 20.02
CA THR A 233 -2.83 13.27 20.50
C THR A 233 -3.32 12.14 19.62
N ASP A 234 -2.83 10.93 19.89
CA ASP A 234 -3.24 9.75 19.13
C ASP A 234 -4.45 9.06 19.77
N GLU A 235 -5.14 9.74 20.68
CA GLU A 235 -6.29 9.15 21.33
C GLU A 235 -7.38 10.19 21.54
N LEU A 236 -8.49 10.03 20.83
CA LEU A 236 -9.62 10.95 20.89
C LEU A 236 -10.83 10.36 21.59
N GLU A 237 -11.61 11.24 22.22
CA GLU A 237 -12.81 10.89 22.94
C GLU A 237 -13.88 11.83 22.42
N ILE A 238 -14.90 11.26 21.77
CA ILE A 238 -15.95 12.04 21.13
C ILE A 238 -17.35 11.70 21.63
N TYR A 239 -18.06 12.71 22.08
CA TYR A 239 -19.42 12.57 22.55
C TYR A 239 -20.29 12.97 21.37
N GLY A 240 -20.93 11.99 20.75
CA GLY A 240 -21.77 12.25 19.57
C GLY A 240 -23.02 13.06 19.86
N SER A 241 -23.37 13.94 18.92
CA SER A 241 -24.52 14.83 19.06
C SER A 241 -25.85 14.14 18.75
N ASP A 242 -25.83 12.81 18.54
CA ASP A 242 -27.04 12.03 18.26
C ASP A 242 -27.91 12.65 17.14
N GLY A 243 -27.29 12.89 15.99
CA GLY A 243 -27.98 13.44 14.84
C GLY A 243 -28.14 14.95 14.74
N GLU A 244 -27.83 15.67 15.82
CA GLU A 244 -27.96 17.14 15.81
C GLU A 244 -26.78 17.79 15.10
N LEU A 245 -27.08 18.65 14.14
CA LEU A 245 -26.07 19.34 13.36
C LEU A 245 -25.43 20.47 14.18
N LEU A 246 -24.25 20.91 13.75
CA LEU A 246 -23.47 21.93 14.47
C LEU A 246 -23.41 23.31 13.84
N GLU A 247 -23.18 24.32 14.68
CA GLU A 247 -23.03 25.71 14.26
C GLU A 247 -21.56 25.98 13.95
N PHE A 248 -21.22 25.99 12.67
CA PHE A 248 -19.84 26.27 12.26
C PHE A 248 -19.52 27.76 12.31
N LYS A 249 -18.24 28.05 12.49
CA LYS A 249 -17.71 29.42 12.54
C LYS A 249 -16.69 29.52 11.42
N GLU A 250 -16.56 30.71 10.84
CA GLU A 250 -15.64 30.94 9.73
C GLU A 250 -14.19 30.64 10.14
N PHE A 251 -13.40 30.14 9.19
CA PHE A 251 -12.00 29.83 9.47
C PHE A 251 -11.17 29.79 8.20
N SER A 252 -9.85 29.77 8.35
CA SER A 252 -8.93 29.65 7.23
C SER A 252 -8.26 28.26 7.27
N VAL A 253 -8.11 27.64 6.10
CA VAL A 253 -7.45 26.34 6.01
C VAL A 253 -5.97 26.58 6.33
N ILE A 254 -5.33 25.63 7.00
CA ILE A 254 -3.90 25.77 7.36
C ILE A 254 -3.01 25.79 6.14
N PRO A 255 -1.81 26.39 6.26
CA PRO A 255 -0.88 26.39 5.12
C PRO A 255 -0.46 24.96 4.74
N ASP A 256 -0.13 24.77 3.46
CA ASP A 256 0.30 23.50 2.92
C ASP A 256 1.77 23.22 3.28
N ARG A 257 1.98 22.47 4.35
CA ARG A 257 3.35 22.15 4.79
C ARG A 257 4.24 21.46 3.73
N ILE A 258 3.67 20.57 2.90
CA ILE A 258 4.45 19.90 1.85
C ILE A 258 4.88 20.92 0.78
N GLU A 259 3.93 21.75 0.35
CA GLU A 259 4.25 22.78 -0.62
C GLU A 259 5.38 23.65 -0.06
N ALA A 260 5.25 24.02 1.21
CA ALA A 260 6.25 24.87 1.87
C ALA A 260 7.61 24.20 1.87
N GLY A 261 7.61 22.90 2.21
CA GLY A 261 8.83 22.09 2.27
C GLY A 261 9.53 22.07 0.94
N THR A 262 8.73 21.92 -0.11
CA THR A 262 9.23 21.92 -1.48
C THR A 262 9.87 23.30 -1.87
N TYR A 263 9.27 24.44 -1.50
CA TYR A 263 9.91 25.76 -1.82
C TYR A 263 11.23 25.92 -1.05
N LEU A 264 11.27 25.36 0.16
CA LEU A 264 12.49 25.38 0.97
C LEU A 264 13.62 24.60 0.28
N CYS A 265 13.28 23.42 -0.29
CA CYS A 265 14.27 22.61 -1.00
C CYS A 265 14.72 23.33 -2.25
N ALA A 266 13.81 24.03 -2.91
CA ALA A 266 14.18 24.84 -4.08
C ALA A 266 15.24 25.87 -3.69
N GLY A 267 15.05 26.51 -2.54
CA GLY A 267 16.02 27.51 -2.05
C GLY A 267 17.35 26.90 -1.66
N ALA A 268 17.28 25.71 -1.10
CA ALA A 268 18.46 24.97 -0.64
C ALA A 268 19.28 24.38 -1.78
N ILE A 269 18.61 23.72 -2.72
CA ILE A 269 19.30 23.05 -3.84
C ILE A 269 19.99 24.07 -4.76
N THR A 270 19.50 25.31 -4.78
CA THR A 270 20.13 26.39 -5.54
C THR A 270 21.03 27.17 -4.60
N ASN A 271 21.05 26.77 -3.34
CA ASN A 271 21.86 27.38 -2.28
C ASN A 271 21.64 28.89 -2.31
N SER A 272 20.37 29.24 -2.14
CA SER A 272 19.88 30.60 -2.22
C SER A 272 18.98 31.04 -1.07
N LYS A 273 19.07 32.34 -0.80
CA LYS A 273 18.30 33.03 0.21
C LYS A 273 16.90 33.30 -0.36
N ILE A 274 15.88 32.78 0.34
CA ILE A 274 14.47 32.93 -0.04
C ILE A 274 13.60 32.97 1.22
N THR A 275 12.36 33.42 1.03
CA THR A 275 11.43 33.57 2.14
C THR A 275 10.04 33.07 1.78
N LEU A 276 9.40 32.41 2.74
CA LEU A 276 8.07 31.89 2.56
C LEU A 276 7.08 32.63 3.44
N ASP A 277 5.92 32.99 2.87
CA ASP A 277 4.86 33.67 3.60
C ASP A 277 3.61 32.82 3.74
N LYS A 278 2.81 33.15 4.75
CA LYS A 278 1.58 32.44 5.08
C LYS A 278 1.90 30.96 5.36
N VAL A 279 2.97 30.75 6.15
CA VAL A 279 3.46 29.43 6.53
C VAL A 279 3.62 29.25 8.05
N ASN A 280 3.31 28.03 8.52
CA ASN A 280 3.38 27.65 9.95
C ASN A 280 4.59 26.71 10.17
N ALA A 281 5.64 27.27 10.78
CA ALA A 281 6.88 26.53 11.05
C ALA A 281 6.67 25.32 11.98
N THR A 282 5.67 25.40 12.86
CA THR A 282 5.35 24.35 13.81
C THR A 282 5.01 23.03 13.12
N HIS A 283 4.51 23.11 11.89
CA HIS A 283 4.15 21.93 11.12
C HIS A 283 5.31 21.38 10.26
N LEU A 284 6.51 21.93 10.40
CA LEU A 284 7.67 21.51 9.60
C LEU A 284 8.90 21.29 10.47
N SER A 285 8.69 20.99 11.74
CA SER A 285 9.83 20.87 12.64
C SER A 285 10.85 19.81 12.17
N ALA A 286 10.39 18.62 11.77
CA ALA A 286 11.28 17.55 11.28
C ALA A 286 12.05 17.96 10.01
N VAL A 287 11.35 18.63 9.10
CA VAL A 287 11.94 19.13 7.85
C VAL A 287 12.99 20.24 8.10
N LEU A 288 12.71 21.15 9.04
CA LEU A 288 13.65 22.25 9.35
C LEU A 288 14.90 21.70 10.03
N ALA A 289 14.71 20.67 10.85
CA ALA A 289 15.81 20.02 11.55
C ALA A 289 16.79 19.39 10.56
N LYS A 290 16.25 18.77 9.51
CA LYS A 290 17.10 18.15 8.49
C LYS A 290 17.81 19.21 7.65
N LEU A 291 17.11 20.27 7.27
CA LEU A 291 17.76 21.37 6.55
C LEU A 291 18.89 21.94 7.41
N HIS A 292 18.71 21.94 8.74
CA HIS A 292 19.77 22.41 9.64
C HIS A 292 20.94 21.43 9.64
N GLN A 293 20.65 20.14 9.64
CA GLN A 293 21.68 19.09 9.61
C GLN A 293 22.54 19.20 8.35
N MET A 294 21.96 19.77 7.28
CA MET A 294 22.66 19.95 6.01
C MET A 294 23.36 21.32 5.87
N GLY A 295 23.40 22.09 6.96
CA GLY A 295 24.09 23.39 6.96
C GLY A 295 23.26 24.62 6.68
N PHE A 296 21.96 24.46 6.43
CA PHE A 296 21.11 25.60 6.15
C PHE A 296 20.49 26.14 7.42
N GLU A 297 20.69 27.45 7.66
CA GLU A 297 20.08 28.09 8.81
C GLU A 297 18.64 28.43 8.44
N THR A 298 17.76 28.24 9.42
CA THR A 298 16.35 28.55 9.32
C THR A 298 16.16 29.80 10.18
N LEU A 299 15.18 30.63 9.85
CA LEU A 299 14.87 31.86 10.62
C LEU A 299 13.37 32.08 10.58
N ILE A 300 12.71 31.94 11.73
CA ILE A 300 11.25 32.03 11.81
C ILE A 300 10.79 33.35 12.42
N THR A 301 9.78 33.95 11.80
CA THR A 301 9.20 35.22 12.24
C THR A 301 7.72 35.20 11.93
N GLU A 302 6.92 34.83 12.94
CA GLU A 302 5.46 34.79 12.82
C GLU A 302 5.18 33.69 11.80
N ASP A 303 4.23 33.96 10.93
CA ASP A 303 3.83 33.12 9.81
C ASP A 303 4.82 33.12 8.62
N SER A 304 6.11 33.33 8.86
CA SER A 304 7.06 33.34 7.74
C SER A 304 8.36 32.61 8.12
N ILE A 305 9.02 32.07 7.09
CA ILE A 305 10.28 31.36 7.23
C ILE A 305 11.23 31.90 6.18
N THR A 306 12.48 32.11 6.58
CA THR A 306 13.53 32.60 5.68
C THR A 306 14.69 31.61 5.73
N LEU A 307 15.08 31.13 4.56
CA LEU A 307 16.16 30.15 4.43
C LEU A 307 17.46 30.82 4.00
N LEU A 308 18.54 30.59 4.76
CA LEU A 308 19.85 31.14 4.44
C LEU A 308 20.77 30.09 3.82
N PRO A 309 21.60 30.48 2.82
CA PRO A 309 22.53 29.51 2.20
C PRO A 309 23.49 28.88 3.19
N ALA A 310 24.07 27.75 2.80
CA ALA A 310 25.04 27.04 3.61
C ALA A 310 26.44 27.28 3.04
N LYS A 311 27.47 27.13 3.88
CA LYS A 311 28.85 27.29 3.41
C LYS A 311 29.07 26.10 2.45
N GLU A 312 28.80 24.90 2.98
CA GLU A 312 28.84 23.69 2.18
C GLU A 312 27.61 22.91 2.57
N ILE A 313 27.03 22.23 1.59
CA ILE A 313 25.85 21.45 1.83
C ILE A 313 26.38 20.11 2.34
N LYS A 314 25.91 19.72 3.52
CA LYS A 314 26.36 18.50 4.19
C LYS A 314 25.37 17.35 3.99
N PRO A 315 25.90 16.11 3.94
CA PRO A 315 25.03 14.94 3.78
C PRO A 315 24.03 14.80 4.91
N VAL A 316 22.94 14.08 4.65
CA VAL A 316 21.89 13.87 5.64
C VAL A 316 21.43 12.40 5.70
N GLU A 317 20.94 12.00 6.88
CA GLU A 317 20.39 10.68 7.11
C GLU A 317 18.94 10.90 7.45
N ILE A 318 18.04 10.28 6.69
CA ILE A 318 16.61 10.44 6.88
C ILE A 318 15.87 9.11 6.98
N MET A 319 14.96 9.03 7.94
CA MET A 319 14.10 7.86 8.10
C MET A 319 12.68 8.41 8.15
N THR A 320 11.83 7.94 7.24
CA THR A 320 10.46 8.43 7.21
C THR A 320 9.65 7.77 8.33
N SER A 321 8.67 8.52 8.82
CA SER A 321 7.81 8.07 9.90
C SER A 321 6.54 8.91 9.92
N GLU A 322 5.62 8.53 10.80
CA GLU A 322 4.35 9.20 10.97
C GLU A 322 4.60 10.57 11.61
N TYR A 323 3.71 11.54 11.36
CA TYR A 323 3.83 12.88 11.96
C TYR A 323 3.89 12.73 13.49
N PRO A 324 4.68 13.54 14.21
CA PRO A 324 5.51 14.63 13.71
C PRO A 324 6.91 14.31 13.20
N GLY A 325 7.17 13.06 12.81
CA GLY A 325 8.48 12.69 12.28
C GLY A 325 8.63 13.20 10.84
N PHE A 326 9.75 12.81 10.21
CA PHE A 326 9.99 13.22 8.85
C PHE A 326 8.93 12.61 7.91
N PRO A 327 8.24 13.49 7.13
CA PRO A 327 7.17 13.05 6.24
C PRO A 327 7.64 12.39 4.96
N THR A 328 7.06 11.23 4.63
CA THR A 328 7.40 10.56 3.39
C THR A 328 7.10 11.47 2.19
N ASP A 329 6.15 12.39 2.34
CA ASP A 329 5.84 13.37 1.27
C ASP A 329 6.93 14.40 0.96
N MET A 330 8.02 14.40 1.71
CA MET A 330 9.18 15.30 1.45
C MET A 330 10.45 14.50 1.08
N GLN A 331 10.37 13.16 1.20
CA GLN A 331 11.51 12.27 0.91
C GLN A 331 12.16 12.47 -0.46
N ALA A 332 11.35 12.55 -1.51
CA ALA A 332 11.91 12.79 -2.86
C ALA A 332 12.61 14.14 -2.97
N GLN A 333 12.01 15.21 -2.42
CA GLN A 333 12.64 16.55 -2.51
C GLN A 333 13.98 16.59 -1.79
N PHE A 334 14.13 15.76 -0.75
CA PHE A 334 15.39 15.69 -0.02
C PHE A 334 16.42 14.84 -0.73
N MET A 335 15.96 13.84 -1.48
CA MET A 335 16.87 13.02 -2.27
C MET A 335 17.51 13.95 -3.33
N ALA A 336 16.69 14.83 -3.90
CA ALA A 336 17.20 15.78 -4.91
C ALA A 336 18.23 16.71 -4.29
N LEU A 337 17.93 17.25 -3.11
CA LEU A 337 18.87 18.15 -2.42
C LEU A 337 20.16 17.42 -2.01
N ALA A 338 20.05 16.15 -1.60
CA ALA A 338 21.23 15.35 -1.20
C ALA A 338 22.23 15.18 -2.35
N LEU A 339 21.77 15.38 -3.58
CA LEU A 339 22.65 15.32 -4.76
C LEU A 339 23.68 16.45 -4.75
N LYS A 340 23.37 17.58 -4.10
CA LYS A 340 24.29 18.72 -4.00
C LYS A 340 25.16 18.64 -2.72
N ALA A 341 24.83 17.75 -1.79
CA ALA A 341 25.61 17.61 -0.55
C ALA A 341 26.99 17.06 -0.81
N ASN A 342 27.97 17.56 -0.06
CA ASN A 342 29.35 17.11 -0.19
C ASN A 342 29.55 15.88 0.69
N GLY A 343 29.09 14.74 0.18
CA GLY A 343 29.18 13.48 0.90
C GLY A 343 28.02 12.56 0.64
N THR A 344 28.00 11.45 1.37
CA THR A 344 27.00 10.40 1.22
C THR A 344 25.79 10.53 2.16
N SER A 345 24.60 10.53 1.58
CA SER A 345 23.34 10.63 2.33
C SER A 345 22.61 9.30 2.33
N ILE A 346 21.73 9.10 3.31
CA ILE A 346 20.93 7.90 3.41
C ILE A 346 19.46 8.25 3.67
N ILE A 347 18.57 7.61 2.92
CA ILE A 347 17.12 7.76 3.04
C ILE A 347 16.48 6.36 3.23
N ASP A 348 15.87 6.15 4.39
CA ASP A 348 15.21 4.88 4.77
C ASP A 348 13.68 5.02 4.71
N GLU A 349 13.08 4.44 3.68
CA GLU A 349 11.62 4.48 3.43
C GLU A 349 10.83 3.21 3.80
N ARG A 350 9.50 3.35 3.70
CA ARG A 350 8.53 2.28 3.97
C ARG A 350 8.18 1.59 2.65
N LEU A 351 8.19 0.27 2.64
CA LEU A 351 7.88 -0.51 1.43
C LEU A 351 6.40 -0.45 1.09
N ASN A 354 5.19 1.50 -4.82
CA ASN A 354 6.52 2.12 -4.77
C ASN A 354 6.52 3.54 -4.21
N ARG A 355 7.70 3.92 -3.72
CA ARG A 355 7.96 5.24 -3.18
C ARG A 355 9.21 5.89 -3.80
N PHE A 356 9.94 5.11 -4.60
CA PHE A 356 11.16 5.60 -5.25
C PHE A 356 11.03 5.71 -6.77
N MET A 357 9.83 6.03 -7.27
CA MET A 357 9.63 6.15 -8.72
C MET A 357 10.49 7.23 -9.39
N HIS A 358 10.86 8.24 -8.61
CA HIS A 358 11.72 9.32 -9.11
C HIS A 358 13.19 8.93 -9.35
N VAL A 359 13.67 7.83 -8.76
CA VAL A 359 15.09 7.43 -8.89
C VAL A 359 15.62 7.26 -10.31
N SER A 360 14.93 6.48 -11.16
CA SER A 360 15.38 6.25 -12.54
C SER A 360 15.63 7.54 -13.33
N GLU A 361 14.73 8.51 -13.17
CA GLU A 361 14.83 9.78 -13.90
C GLU A 361 16.00 10.65 -13.40
N LEU A 362 16.30 10.57 -12.11
CA LEU A 362 17.45 11.29 -11.56
C LEU A 362 18.75 10.66 -12.06
N LEU A 363 18.75 9.35 -12.27
CA LEU A 363 19.95 8.66 -12.79
C LEU A 363 20.31 9.20 -14.17
N ARG A 364 19.30 9.53 -14.97
CA ARG A 364 19.56 10.06 -16.29
C ARG A 364 20.09 11.51 -16.25
N MET A 365 20.04 12.12 -15.07
CA MET A 365 20.60 13.46 -14.88
C MET A 365 22.00 13.31 -14.25
N GLY A 366 22.57 12.12 -14.33
CA GLY A 366 23.91 11.83 -13.79
C GLY A 366 24.00 11.57 -12.30
N ALA A 367 22.88 11.45 -11.61
CA ALA A 367 22.90 11.21 -10.16
C ALA A 367 23.46 9.83 -9.79
N ASP A 368 24.15 9.76 -8.65
CA ASP A 368 24.72 8.48 -8.15
C ASP A 368 23.84 8.02 -7.00
N ILE A 369 22.85 7.20 -7.32
CA ILE A 369 21.88 6.72 -6.34
C ILE A 369 21.76 5.20 -6.45
N LYS A 370 21.88 4.52 -5.32
CA LYS A 370 21.80 3.05 -5.24
C LYS A 370 20.76 2.60 -4.23
N LEU A 371 19.85 1.73 -4.68
CA LEU A 371 18.78 1.22 -3.83
C LEU A 371 19.10 -0.19 -3.33
N ASN A 372 18.96 -0.37 -2.03
N ASN A 372 18.98 -0.38 -2.03
CA ASN A 372 19.21 -1.65 -1.38
CA ASN A 372 19.21 -1.66 -1.38
C ASN A 372 17.98 -1.94 -0.54
C ASN A 372 17.97 -1.94 -0.55
N GLY A 373 16.98 -2.50 -1.21
CA GLY A 373 15.71 -2.83 -0.58
C GLY A 373 14.91 -1.54 -0.45
N HIS A 374 14.78 -1.07 0.79
CA HIS A 374 14.01 0.12 1.12
C HIS A 374 14.89 1.31 1.52
N ILE A 375 16.20 1.20 1.31
CA ILE A 375 17.14 2.23 1.70
C ILE A 375 17.95 2.72 0.49
N ALA A 376 17.92 4.03 0.26
CA ALA A 376 18.64 4.66 -0.84
C ALA A 376 19.90 5.37 -0.35
N THR A 377 21.02 5.09 -0.99
CA THR A 377 22.29 5.72 -0.66
C THR A 377 22.59 6.75 -1.74
N ILE A 378 22.76 8.01 -1.36
CA ILE A 378 23.04 9.07 -2.34
C ILE A 378 24.50 9.54 -2.20
N VAL A 379 25.25 9.54 -3.30
CA VAL A 379 26.62 10.04 -3.27
C VAL A 379 26.58 11.39 -3.97
N GLY A 380 26.41 12.44 -3.19
CA GLY A 380 26.32 13.79 -3.72
C GLY A 380 27.67 14.37 -4.09
N GLY A 381 27.64 15.45 -4.86
CA GLY A 381 28.86 16.13 -5.29
C GLY A 381 28.94 16.22 -6.79
N LYS A 382 28.71 15.09 -7.46
CA LYS A 382 28.76 15.03 -8.93
C LYS A 382 27.86 16.08 -9.54
N GLU A 383 28.29 16.63 -10.67
CA GLU A 383 27.53 17.66 -11.34
C GLU A 383 26.37 16.98 -12.06
N LEU A 384 25.19 17.55 -11.93
CA LEU A 384 24.01 17.02 -12.57
C LEU A 384 23.88 17.63 -13.95
N ASN A 385 23.43 16.81 -14.90
CA ASN A 385 23.26 17.25 -16.28
C ASN A 385 21.76 17.27 -16.56
N ALA A 386 21.34 18.19 -17.42
CA ALA A 386 19.92 18.30 -17.75
C ALA A 386 19.46 17.09 -18.57
N ALA A 387 18.16 16.84 -18.54
CA ALA A 387 17.59 15.71 -19.29
C ALA A 387 16.09 15.84 -19.54
N ASP A 388 15.61 14.96 -20.40
CA ASP A 388 14.21 14.87 -20.79
C ASP A 388 13.66 13.78 -19.87
N VAL A 389 12.82 14.15 -18.91
CA VAL A 389 12.30 13.20 -17.94
C VAL A 389 10.77 13.12 -17.91
N MET A 390 10.29 11.95 -17.46
CA MET A 390 8.89 11.65 -17.31
C MET A 390 8.56 11.66 -15.81
N ALA A 391 7.74 12.61 -15.39
CA ALA A 391 7.31 12.69 -13.99
C ALA A 391 6.25 11.62 -13.73
N THR A 392 6.03 11.29 -12.46
CA THR A 392 5.03 10.27 -12.09
C THR A 392 4.04 10.85 -11.06
N ASP A 393 4.19 10.53 -9.77
CA ASP A 393 3.26 11.07 -8.77
C ASP A 393 3.67 12.50 -8.39
N LEU A 394 2.90 13.13 -7.50
CA LEU A 394 3.19 14.50 -7.05
C LEU A 394 4.59 14.57 -6.42
N ARG A 395 4.88 13.58 -5.59
CA ARG A 395 6.14 13.49 -4.87
C ARG A 395 7.33 13.51 -5.82
N ALA A 396 7.33 12.59 -6.78
CA ALA A 396 8.38 12.50 -7.78
C ALA A 396 8.47 13.76 -8.63
N SER A 397 7.30 14.30 -8.98
CA SER A 397 7.23 15.52 -9.80
C SER A 397 7.94 16.70 -9.16
N SER A 398 7.79 16.83 -7.85
CA SER A 398 8.43 17.92 -7.11
C SER A 398 9.95 17.75 -7.17
N ALA A 399 10.41 16.52 -6.97
CA ALA A 399 11.84 16.21 -6.97
C ALA A 399 12.56 16.50 -8.29
N LEU A 400 11.89 16.23 -9.41
CA LEU A 400 12.47 16.44 -10.73
C LEU A 400 12.63 17.93 -11.07
N ILE A 401 11.68 18.74 -10.63
CA ILE A 401 11.76 20.20 -10.86
C ILE A 401 12.94 20.76 -10.09
N LEU A 402 13.10 20.31 -8.85
CA LEU A 402 14.23 20.75 -8.03
C LEU A 402 15.56 20.37 -8.68
N ALA A 403 15.70 19.11 -9.10
CA ALA A 403 16.94 18.62 -9.74
C ALA A 403 17.27 19.41 -10.98
N ALA A 404 16.24 19.72 -11.76
CA ALA A 404 16.39 20.52 -12.97
C ALA A 404 16.97 21.92 -12.70
N LEU A 405 16.52 22.55 -11.61
CA LEU A 405 17.01 23.89 -11.24
C LEU A 405 18.52 23.91 -10.95
N ALA A 406 19.02 22.79 -10.43
CA ALA A 406 20.44 22.66 -10.06
C ALA A 406 21.32 22.01 -11.14
N ALA A 407 20.71 21.37 -12.13
CA ALA A 407 21.47 20.71 -13.20
C ALA A 407 21.98 21.68 -14.25
N LYS A 408 22.97 21.25 -15.02
CA LYS A 408 23.54 22.07 -16.08
C LYS A 408 22.79 21.79 -17.37
N GLY A 409 22.37 22.86 -18.06
CA GLY A 409 21.65 22.73 -19.32
C GLY A 409 20.17 22.98 -19.11
N THR A 410 19.37 22.68 -20.13
CA THR A 410 17.92 22.89 -20.08
C THR A 410 17.19 21.54 -20.06
N SER A 411 16.46 21.27 -18.99
CA SER A 411 15.70 20.03 -18.83
C SER A 411 14.27 20.19 -19.30
N LYS A 412 13.60 19.06 -19.50
CA LYS A 412 12.21 19.05 -19.93
C LYS A 412 11.50 18.00 -19.09
N VAL A 413 10.51 18.45 -18.31
CA VAL A 413 9.75 17.56 -17.43
C VAL A 413 8.35 17.30 -18.00
N HIS A 414 8.16 16.09 -18.53
CA HIS A 414 6.89 15.67 -19.13
C HIS A 414 5.96 14.99 -18.09
N ARG A 415 4.75 14.64 -18.54
CA ARG A 415 3.70 13.99 -17.70
C ARG A 415 3.47 14.71 -16.37
N ILE A 416 3.14 16.00 -16.45
CA ILE A 416 2.91 16.80 -15.24
C ILE A 416 1.43 16.86 -14.83
N TYR A 417 0.68 15.82 -15.18
CA TYR A 417 -0.74 15.80 -14.83
C TYR A 417 -0.95 15.70 -13.31
N HIS A 418 -0.13 14.91 -12.62
CA HIS A 418 -0.24 14.82 -11.16
C HIS A 418 0.17 16.11 -10.45
N LEU A 419 1.07 16.85 -11.07
CA LEU A 419 1.55 18.09 -10.50
C LEU A 419 0.50 19.21 -10.59
N ASP A 420 -0.16 19.33 -11.73
CA ASP A 420 -1.17 20.37 -11.94
C ASP A 420 -2.42 20.15 -11.09
N ARG A 421 -2.75 18.89 -10.81
CA ARG A 421 -3.90 18.58 -9.96
C ARG A 421 -3.56 18.78 -8.47
N GLY A 422 -2.27 18.96 -8.17
CA GLY A 422 -1.80 19.18 -6.81
C GLY A 422 -1.55 20.64 -6.46
N TYR A 423 -1.08 21.42 -7.42
CA TYR A 423 -0.76 22.85 -7.20
C TYR A 423 -1.26 23.75 -8.32
N GLU A 424 -1.72 24.94 -7.95
CA GLU A 424 -2.18 25.93 -8.93
C GLU A 424 -1.03 26.91 -9.12
N ASN A 425 -0.97 27.56 -10.29
CA ASN A 425 0.06 28.57 -10.59
C ASN A 425 1.42 28.24 -10.02
N LEU A 426 1.88 27.02 -10.32
CA LEU A 426 3.18 26.57 -9.83
C LEU A 426 4.32 27.28 -10.58
N GLU A 427 4.12 27.56 -11.86
CA GLU A 427 5.11 28.26 -12.68
C GLU A 427 5.28 29.68 -12.14
N GLU A 428 4.16 30.37 -11.94
CA GLU A 428 4.14 31.75 -11.47
C GLU A 428 4.89 31.93 -10.15
N LYS A 429 4.82 30.95 -9.26
CA LYS A 429 5.54 31.03 -7.98
C LYS A 429 7.05 30.87 -8.19
N PHE A 430 7.47 29.88 -8.97
CA PHE A 430 8.89 29.70 -9.26
C PHE A 430 9.43 30.88 -10.07
N LYS A 431 8.63 31.39 -10.99
CA LYS A 431 9.00 32.55 -11.80
C LYS A 431 9.28 33.75 -10.89
N ASP A 432 8.39 34.00 -9.93
CA ASP A 432 8.56 35.12 -8.98
C ASP A 432 9.80 34.98 -8.08
N LEU A 433 10.28 33.75 -7.94
CA LEU A 433 11.51 33.47 -7.18
C LEU A 433 12.75 33.60 -8.08
N GLY A 434 12.53 33.81 -9.38
CA GLY A 434 13.62 33.99 -10.34
C GLY A 434 13.97 32.81 -11.25
N ALA A 435 13.29 31.69 -11.08
CA ALA A 435 13.56 30.51 -11.90
C ALA A 435 13.15 30.69 -13.35
N LYS A 436 13.95 30.16 -14.27
CA LYS A 436 13.63 30.17 -15.70
C LYS A 436 12.86 28.91 -16.08
N ILE A 437 11.54 28.98 -15.89
CA ILE A 437 10.62 27.88 -16.21
C ILE A 437 9.60 28.40 -17.22
N THR A 438 9.21 27.54 -18.15
CA THR A 438 8.22 27.88 -19.16
C THR A 438 7.44 26.64 -19.54
N ARG A 439 6.14 26.82 -19.71
CA ARG A 439 5.23 25.72 -20.06
C ARG A 439 5.01 25.72 -21.55
N LEU A 440 5.15 24.56 -22.16
CA LEU A 440 4.98 24.39 -23.59
C LEU A 440 3.99 23.28 -23.86
N GLU A 441 3.32 23.35 -25.01
CA GLU A 441 2.37 22.33 -25.43
C GLU A 441 3.15 21.14 -25.97
N GLU A 442 2.84 19.93 -25.50
CA GLU A 442 3.53 18.72 -25.94
C GLU A 442 3.19 18.42 -27.40
N ASP B 12 -1.79 -11.37 -7.25
CA ASP B 12 -1.75 -12.06 -5.93
C ASP B 12 -3.18 -12.53 -5.56
N LEU B 13 -4.15 -11.60 -5.65
CA LEU B 13 -5.59 -11.86 -5.36
C LEU B 13 -6.36 -11.91 -6.68
N GLY B 14 -7.18 -12.96 -6.87
CA GLY B 14 -7.93 -13.17 -8.12
C GLY B 14 -9.39 -12.76 -8.26
N THR B 15 -9.99 -12.12 -7.24
CA THR B 15 -11.41 -11.67 -7.29
C THR B 15 -11.69 -10.35 -6.50
N GLU B 16 -12.95 -9.90 -6.55
CA GLU B 16 -13.44 -8.67 -5.84
C GLU B 16 -13.52 -8.76 -4.30
N ASN B 17 -14.04 -7.69 -3.70
CA ASN B 17 -14.23 -7.57 -2.24
C ASN B 17 -15.50 -8.28 -1.77
N LEU B 18 -15.61 -9.57 -2.06
CA LEU B 18 -16.79 -10.36 -1.66
C LEU B 18 -16.76 -10.68 -0.15
N TYR B 19 -15.71 -10.24 0.54
CA TYR B 19 -15.57 -10.43 2.00
C TYR B 19 -16.82 -9.97 2.78
N PHE B 20 -17.32 -8.77 2.44
CA PHE B 20 -18.48 -8.18 3.12
C PHE B 20 -19.82 -8.87 2.85
N GLN B 21 -19.93 -9.58 1.73
CA GLN B 21 -21.17 -10.29 1.42
C GLN B 21 -21.27 -11.51 2.37
N SER B 22 -22.00 -11.29 3.47
CA SER B 22 -22.19 -12.28 4.54
C SER B 22 -23.59 -12.91 4.59
N ASN B 23 -24.28 -12.96 3.45
CA ASN B 23 -25.62 -13.57 3.39
C ASN B 23 -25.47 -15.10 3.39
N ALA B 24 -24.61 -15.62 2.52
CA ALA B 24 -24.31 -17.07 2.45
C ALA B 24 -22.91 -17.18 3.05
N MET B 25 -22.77 -17.88 4.18
CA MET B 25 -21.48 -17.96 4.87
C MET B 25 -21.44 -19.06 5.95
N THR B 26 -20.23 -19.47 6.32
CA THR B 26 -20.02 -20.47 7.39
C THR B 26 -18.96 -19.94 8.35
N TYR B 27 -18.86 -20.57 9.52
CA TYR B 27 -17.89 -20.18 10.53
C TYR B 27 -17.29 -21.40 11.21
N LEU B 28 -16.20 -21.20 11.94
CA LEU B 28 -15.50 -22.26 12.65
C LEU B 28 -15.67 -22.17 14.16
N GLU B 29 -16.01 -23.30 14.77
CA GLU B 29 -16.19 -23.41 16.21
C GLU B 29 -14.97 -24.18 16.69
N ILE B 30 -14.18 -23.59 17.58
CA ILE B 30 -12.95 -24.22 18.05
C ILE B 30 -12.89 -24.30 19.55
N GLU B 31 -12.70 -25.51 20.09
CA GLU B 31 -12.60 -25.69 21.52
C GLU B 31 -11.14 -25.51 21.89
N GLY B 32 -10.88 -24.82 23.01
CA GLY B 32 -9.52 -24.57 23.44
C GLY B 32 -8.88 -25.44 24.49
N THR B 33 -7.58 -25.26 24.64
CA THR B 33 -6.74 -25.96 25.63
C THR B 33 -6.58 -27.46 25.37
N ASN B 34 -6.46 -27.82 24.08
CA ASN B 34 -6.28 -29.22 23.69
C ASN B 34 -4.86 -29.42 23.21
N HIS B 35 -4.16 -30.38 23.82
CA HIS B 35 -2.77 -30.68 23.39
C HIS B 35 -2.88 -31.32 22.01
N LEU B 36 -1.90 -31.05 21.13
CA LEU B 36 -1.86 -31.58 19.76
C LEU B 36 -0.83 -32.69 19.64
N SER B 37 -0.87 -33.41 18.51
CA SER B 37 0.08 -34.52 18.22
C SER B 37 -0.15 -35.04 16.80
N GLY B 38 0.88 -35.63 16.20
CA GLY B 38 0.77 -36.19 14.84
C GLY B 38 1.58 -35.47 13.77
N ASN B 39 1.20 -35.71 12.51
CA ASN B 39 1.85 -35.13 11.34
C ASN B 39 0.89 -34.31 10.47
N VAL B 40 1.43 -33.29 9.82
CA VAL B 40 0.66 -32.43 8.90
C VAL B 40 1.51 -32.24 7.65
N THR B 41 0.93 -32.54 6.49
CA THR B 41 1.63 -32.42 5.22
C THR B 41 1.45 -31.00 4.72
N ILE B 42 2.55 -30.35 4.35
CA ILE B 42 2.50 -28.96 3.85
C ILE B 42 2.24 -28.95 2.35
N SER B 43 1.28 -28.14 1.93
CA SER B 43 0.91 -28.05 0.52
C SER B 43 1.87 -27.18 -0.27
N GLY B 44 1.68 -27.17 -1.60
CA GLY B 44 2.50 -26.35 -2.47
C GLY B 44 2.11 -24.88 -2.33
N ALA B 45 3.10 -24.00 -2.40
CA ALA B 45 2.85 -22.56 -2.28
C ALA B 45 2.01 -21.95 -3.41
N LYS B 46 0.87 -21.38 -3.03
CA LYS B 46 0.00 -20.67 -3.96
C LYS B 46 0.77 -19.54 -4.71
N ASN B 47 1.59 -18.80 -3.97
CA ASN B 47 2.35 -17.66 -4.57
C ASN B 47 3.47 -18.07 -5.53
N ALA B 48 3.86 -19.35 -5.48
CA ALA B 48 4.85 -19.82 -6.44
C ALA B 48 4.09 -20.30 -7.68
N ALA B 49 3.06 -21.11 -7.42
CA ALA B 49 2.23 -21.71 -8.48
C ALA B 49 1.68 -20.68 -9.49
N LEU B 50 1.21 -19.54 -9.00
CA LEU B 50 0.69 -18.48 -9.92
C LEU B 50 1.72 -18.01 -10.97
N PRO B 51 2.92 -17.60 -10.51
CA PRO B 51 3.86 -17.19 -11.57
C PRO B 51 4.28 -18.38 -12.47
N LEU B 52 4.43 -19.58 -11.89
CA LEU B 52 4.84 -20.78 -12.66
C LEU B 52 3.82 -21.20 -13.74
N ILE B 53 2.54 -20.91 -13.51
CA ILE B 53 1.48 -21.19 -14.49
C ILE B 53 1.53 -20.09 -15.58
N VAL B 54 1.71 -18.83 -15.17
CA VAL B 54 1.83 -17.72 -16.13
C VAL B 54 3.06 -17.93 -17.03
N SER B 55 4.10 -18.57 -16.47
CA SER B 55 5.33 -18.83 -17.23
C SER B 55 5.17 -19.83 -18.39
N SER B 56 4.06 -20.59 -18.43
CA SER B 56 3.87 -21.55 -19.55
C SER B 56 3.62 -20.79 -20.87
N ILE B 57 3.31 -19.50 -20.76
CA ILE B 57 3.19 -18.58 -21.92
C ILE B 57 4.52 -18.59 -22.71
N LEU B 58 5.62 -18.84 -21.99
CA LEU B 58 6.96 -18.90 -22.58
C LEU B 58 7.38 -20.33 -23.03
N ALA B 59 6.48 -21.31 -22.93
CA ALA B 59 6.84 -22.71 -23.33
C ALA B 59 6.26 -23.13 -24.68
N LYS B 60 7.12 -23.55 -25.61
CA LYS B 60 6.61 -24.04 -26.91
C LYS B 60 6.02 -25.44 -26.77
N ASN B 61 6.37 -26.16 -25.70
CA ASN B 61 5.92 -27.51 -25.45
C ASN B 61 5.03 -27.62 -24.21
N GLU B 62 4.55 -28.85 -23.97
CA GLU B 62 3.70 -29.17 -22.82
C GLU B 62 4.51 -29.03 -21.51
N VAL B 63 3.93 -28.29 -20.56
CA VAL B 63 4.54 -28.05 -19.26
C VAL B 63 3.81 -28.86 -18.20
N LYS B 64 4.57 -29.57 -17.37
CA LYS B 64 4.01 -30.35 -16.27
C LYS B 64 4.38 -29.68 -14.97
N ILE B 65 3.37 -29.45 -14.11
CA ILE B 65 3.58 -28.82 -12.81
C ILE B 65 2.87 -29.62 -11.71
N ASN B 66 3.63 -30.01 -10.69
CA ASN B 66 3.11 -30.81 -9.59
C ASN B 66 3.04 -30.04 -8.29
N ASN B 67 2.45 -30.70 -7.27
CA ASN B 67 2.27 -30.14 -5.92
C ASN B 67 1.61 -28.75 -6.02
N VAL B 68 0.51 -28.69 -6.78
CA VAL B 68 -0.23 -27.45 -7.00
C VAL B 68 -1.46 -27.41 -6.11
N PRO B 69 -1.58 -26.37 -5.26
CA PRO B 69 -2.74 -26.30 -4.37
C PRO B 69 -4.04 -26.09 -5.14
N ASN B 70 -5.09 -26.78 -4.70
CA ASN B 70 -6.38 -26.69 -5.35
C ASN B 70 -7.17 -25.53 -4.73
N VAL B 71 -6.80 -24.28 -5.05
CA VAL B 71 -7.52 -23.13 -4.52
C VAL B 71 -8.09 -22.27 -5.65
N ALA B 72 -9.03 -21.40 -5.28
CA ALA B 72 -9.77 -20.54 -6.23
C ALA B 72 -8.90 -19.75 -7.21
N ASP B 73 -7.84 -19.12 -6.72
N ASP B 73 -7.84 -19.20 -6.67
CA ASP B 73 -6.97 -18.33 -7.60
CA ASP B 73 -6.87 -18.39 -7.38
C ASP B 73 -6.28 -19.19 -8.66
C ASP B 73 -6.24 -19.15 -8.55
N ILE B 74 -5.91 -20.42 -8.30
CA ILE B 74 -5.29 -21.32 -9.26
C ILE B 74 -6.27 -21.65 -10.38
N LYS B 75 -7.49 -22.02 -10.00
CA LYS B 75 -8.53 -22.37 -10.97
C LYS B 75 -8.85 -21.20 -11.91
N THR B 76 -8.98 -19.99 -11.35
CA THR B 76 -9.29 -18.80 -12.14
C THR B 76 -8.22 -18.53 -13.21
N LEU B 77 -6.95 -18.62 -12.79
CA LEU B 77 -5.85 -18.40 -13.70
C LEU B 77 -5.89 -19.42 -14.86
N ILE B 78 -6.03 -20.72 -14.51
CA ILE B 78 -6.11 -21.77 -15.52
C ILE B 78 -7.24 -21.46 -16.52
N SER B 79 -8.40 -21.11 -15.99
CA SER B 79 -9.56 -20.78 -16.82
C SER B 79 -9.32 -19.53 -17.72
N LEU B 80 -8.49 -18.60 -17.25
CA LEU B 80 -8.16 -17.42 -18.07
C LEU B 80 -7.32 -17.86 -19.28
N LEU B 81 -6.32 -18.71 -19.02
CA LEU B 81 -5.44 -19.23 -20.08
C LEU B 81 -6.23 -20.10 -21.08
N GLU B 82 -7.25 -20.81 -20.59
CA GLU B 82 -8.10 -21.59 -21.47
C GLU B 82 -8.84 -20.63 -22.40
N ASN B 83 -9.40 -19.56 -21.84
CA ASN B 83 -10.12 -18.54 -22.63
C ASN B 83 -9.24 -17.89 -23.71
N LEU B 84 -7.92 -17.86 -23.49
CA LEU B 84 -7.01 -17.29 -24.47
C LEU B 84 -6.46 -18.32 -25.48
N GLY B 85 -6.95 -19.56 -25.41
CA GLY B 85 -6.51 -20.59 -26.36
C GLY B 85 -5.72 -21.74 -25.79
N ALA B 86 -5.07 -21.55 -24.64
CA ALA B 86 -4.28 -22.63 -24.04
C ALA B 86 -5.12 -23.88 -23.74
N LYS B 87 -4.52 -25.05 -23.97
CA LYS B 87 -5.15 -26.33 -23.70
C LYS B 87 -4.72 -26.68 -22.29
N VAL B 88 -5.67 -26.94 -21.39
CA VAL B 88 -5.33 -27.22 -19.99
C VAL B 88 -6.04 -28.43 -19.36
N ASN B 89 -5.46 -28.90 -18.27
CA ASN B 89 -5.98 -29.99 -17.47
C ASN B 89 -5.47 -29.76 -16.05
N PHE B 90 -6.28 -30.10 -15.04
CA PHE B 90 -5.89 -29.91 -13.62
C PHE B 90 -6.60 -30.89 -12.67
N GLN B 91 -5.84 -31.84 -12.12
CA GLN B 91 -6.35 -32.85 -11.18
C GLN B 91 -5.25 -33.44 -10.31
N ASN B 92 -5.64 -33.80 -9.08
N ASN B 92 -5.61 -33.79 -9.07
CA ASN B 92 -4.72 -34.34 -8.07
CA ASN B 92 -4.66 -34.36 -8.11
C ASN B 92 -3.49 -33.42 -7.87
C ASN B 92 -3.47 -33.42 -7.92
N ASN B 93 -3.75 -32.12 -7.80
CA ASN B 93 -2.70 -31.09 -7.61
C ASN B 93 -1.60 -31.10 -8.68
N SER B 94 -1.96 -31.53 -9.89
CA SER B 94 -1.03 -31.60 -11.04
C SER B 94 -1.71 -30.98 -12.25
N ALA B 95 -0.98 -30.08 -12.94
CA ALA B 95 -1.50 -29.36 -14.09
C ALA B 95 -0.72 -29.62 -15.38
N LEU B 96 -1.43 -29.60 -16.51
CA LEU B 96 -0.82 -29.76 -17.82
C LEU B 96 -1.12 -28.49 -18.60
N LEU B 97 -0.08 -27.84 -19.09
CA LEU B 97 -0.24 -26.60 -19.83
C LEU B 97 0.43 -26.70 -21.18
N ASN B 98 -0.27 -26.22 -22.21
CA ASN B 98 0.26 -26.16 -23.55
C ASN B 98 -0.28 -24.89 -24.16
N THR B 99 0.59 -23.92 -24.39
CA THR B 99 0.18 -22.63 -24.96
C THR B 99 0.51 -22.51 -26.45
N ASN B 100 0.54 -23.62 -27.16
CA ASN B 100 0.83 -23.59 -28.59
C ASN B 100 -0.26 -22.84 -29.34
N THR B 101 -1.49 -23.02 -28.88
CA THR B 101 -2.66 -22.36 -29.48
C THR B 101 -3.09 -21.07 -28.76
N LEU B 102 -2.25 -20.55 -27.87
CA LEU B 102 -2.60 -19.34 -27.15
C LEU B 102 -2.68 -18.15 -28.12
N ASN B 103 -3.78 -17.41 -28.08
CA ASN B 103 -3.91 -16.18 -28.86
C ASN B 103 -4.65 -15.23 -27.95
N GLN B 104 -4.40 -13.93 -28.09
CA GLN B 104 -5.10 -12.94 -27.27
C GLN B 104 -6.41 -12.58 -27.96
N THR B 105 -7.36 -12.12 -27.16
CA THR B 105 -8.67 -11.76 -27.66
C THR B 105 -8.83 -10.22 -27.75
N ILE B 106 -9.83 -9.77 -28.50
CA ILE B 106 -10.10 -8.34 -28.70
C ILE B 106 -10.23 -7.60 -27.36
N ALA B 107 -9.39 -6.59 -27.15
CA ALA B 107 -9.36 -5.75 -25.96
C ALA B 107 -10.60 -5.74 -25.04
N LYS B 108 -11.81 -5.89 -25.59
CA LYS B 108 -13.04 -5.87 -24.77
C LYS B 108 -13.77 -7.24 -24.52
N TYR B 109 -13.05 -8.34 -24.31
CA TYR B 109 -13.70 -9.65 -24.09
C TYR B 109 -13.81 -10.09 -22.62
N ASP B 110 -12.71 -10.61 -22.05
CA ASP B 110 -12.71 -11.13 -20.65
C ASP B 110 -12.14 -10.07 -19.69
N ILE B 111 -12.65 -8.86 -19.89
CA ILE B 111 -12.26 -7.61 -19.19
C ILE B 111 -11.70 -7.65 -17.77
N VAL B 112 -12.49 -8.09 -16.79
CA VAL B 112 -12.07 -8.07 -15.38
C VAL B 112 -11.02 -9.13 -15.05
N ARG B 113 -11.19 -10.34 -15.59
CA ARG B 113 -10.22 -11.43 -15.37
C ARG B 113 -8.81 -11.03 -15.79
N LYS B 114 -8.70 -10.45 -16.99
CA LYS B 114 -7.42 -10.02 -17.54
C LYS B 114 -6.81 -8.80 -16.81
N MET B 115 -7.66 -7.99 -16.16
CA MET B 115 -7.18 -6.81 -15.44
C MET B 115 -6.47 -7.24 -14.18
N ARG B 116 -7.04 -8.16 -13.41
CA ARG B 116 -6.39 -8.60 -12.16
C ARG B 116 -5.11 -9.39 -12.41
N ALA B 117 -5.13 -10.26 -13.42
CA ALA B 117 -3.96 -11.10 -13.75
C ALA B 117 -2.85 -10.38 -14.53
N SER B 118 -3.09 -9.12 -14.92
CA SER B 118 -2.11 -8.36 -15.70
C SER B 118 -0.81 -8.08 -14.95
N ILE B 119 -0.85 -8.08 -13.62
CA ILE B 119 0.38 -7.88 -12.82
C ILE B 119 1.40 -9.02 -13.03
N LEU B 120 0.96 -10.16 -13.58
CA LEU B 120 1.86 -11.28 -13.91
C LEU B 120 1.92 -11.62 -15.41
N THR B 121 0.77 -11.54 -16.09
CA THR B 121 0.68 -11.90 -17.50
C THR B 121 1.13 -10.83 -18.48
N LEU B 122 1.09 -9.56 -18.08
CA LEU B 122 1.42 -8.45 -19.01
C LEU B 122 2.78 -8.67 -19.68
N GLY B 123 3.78 -8.99 -18.88
CA GLY B 123 5.12 -9.22 -19.39
C GLY B 123 5.24 -10.32 -20.43
N PRO B 124 4.86 -11.58 -20.07
CA PRO B 124 4.95 -12.70 -21.02
C PRO B 124 4.18 -12.47 -22.33
N LEU B 125 2.96 -11.95 -22.22
CA LEU B 125 2.12 -11.68 -23.39
C LEU B 125 2.67 -10.59 -24.30
N LEU B 126 3.18 -9.51 -23.74
CA LEU B 126 3.74 -8.44 -24.57
C LEU B 126 4.99 -8.95 -25.25
N ALA B 127 5.81 -9.66 -24.50
CA ALA B 127 7.06 -10.22 -25.04
C ALA B 127 6.82 -11.22 -26.17
N ARG B 128 5.97 -12.21 -25.92
CA ARG B 128 5.69 -13.26 -26.92
C ARG B 128 4.92 -12.76 -28.13
N PHE B 129 3.80 -12.08 -27.87
CA PHE B 129 2.91 -11.63 -28.96
C PHE B 129 3.10 -10.21 -29.53
N GLY B 130 3.93 -9.39 -28.91
CA GLY B 130 4.21 -8.06 -29.44
C GLY B 130 3.25 -6.95 -29.08
N HIS B 131 2.18 -7.28 -28.35
CA HIS B 131 1.22 -6.28 -27.93
C HIS B 131 0.32 -6.91 -26.88
N CYS B 132 -0.37 -6.05 -26.12
CA CYS B 132 -1.27 -6.50 -25.07
C CYS B 132 -2.10 -5.32 -24.56
N GLU B 133 -3.37 -5.56 -24.28
CA GLU B 133 -4.27 -4.52 -23.80
C GLU B 133 -4.90 -4.91 -22.48
N VAL B 134 -4.85 -4.00 -21.52
CA VAL B 134 -5.46 -4.19 -20.20
C VAL B 134 -6.34 -2.96 -19.93
N SER B 135 -7.46 -3.17 -19.26
CA SER B 135 -8.41 -2.09 -18.98
C SER B 135 -7.97 -1.24 -17.80
N LEU B 136 -8.10 0.08 -17.93
CA LEU B 136 -7.75 1.00 -16.84
C LEU B 136 -8.70 0.72 -15.69
N PRO B 137 -8.18 0.53 -14.47
CA PRO B 137 -9.16 0.34 -13.41
C PRO B 137 -9.99 1.62 -13.17
N GLY B 138 -11.12 1.44 -12.50
CA GLY B 138 -11.99 2.56 -12.15
C GLY B 138 -11.23 3.30 -11.08
N GLY B 139 -10.89 4.55 -11.34
CA GLY B 139 -10.11 5.34 -10.42
C GLY B 139 -8.88 5.92 -11.07
N CYS B 140 -8.76 5.80 -12.40
CA CYS B 140 -7.62 6.37 -13.13
C CYS B 140 -8.08 7.67 -13.76
N ALA B 141 -7.70 8.77 -13.11
CA ALA B 141 -8.04 10.10 -13.59
C ALA B 141 -7.21 10.36 -14.84
N ILE B 142 -7.80 11.08 -15.79
CA ILE B 142 -7.13 11.42 -17.07
C ILE B 142 -5.58 11.56 -16.98
N GLY B 143 -4.88 10.58 -17.54
CA GLY B 143 -3.43 10.56 -17.55
C GLY B 143 -2.81 9.46 -16.74
N GLN B 144 -3.02 9.47 -15.41
CA GLN B 144 -2.39 8.46 -14.53
C GLN B 144 -2.48 6.99 -15.01
N ARG B 145 -1.31 6.41 -15.25
CA ARG B 145 -1.18 5.05 -15.73
C ARG B 145 -1.08 4.15 -14.51
N PRO B 146 -1.45 2.86 -14.65
CA PRO B 146 -1.35 1.94 -13.51
C PRO B 146 0.12 1.72 -13.10
N ILE B 147 0.42 2.04 -11.85
CA ILE B 147 1.78 1.92 -11.31
C ILE B 147 2.13 0.49 -10.87
N ASP B 148 1.12 -0.38 -10.81
CA ASP B 148 1.34 -1.75 -10.38
C ASP B 148 1.89 -2.62 -11.54
N LEU B 149 1.64 -2.22 -12.78
CA LEU B 149 2.03 -3.03 -13.95
C LEU B 149 3.50 -3.08 -14.34
N HIS B 150 4.29 -2.14 -13.85
CA HIS B 150 5.69 -2.02 -14.24
C HIS B 150 5.77 -1.60 -15.70
N LEU B 151 4.99 -0.57 -15.98
CA LEU B 151 4.92 0.07 -17.29
C LEU B 151 6.24 0.77 -17.60
N LEU B 152 6.85 1.38 -16.60
CA LEU B 152 8.13 2.04 -16.79
C LEU B 152 9.18 1.01 -17.19
N ALA B 153 9.14 -0.14 -16.53
CA ALA B 153 10.09 -1.25 -16.81
C ALA B 153 10.00 -1.71 -18.26
N LEU B 154 8.78 -1.93 -18.74
CA LEU B 154 8.59 -2.36 -20.11
C LEU B 154 9.00 -1.29 -21.14
N GLU B 155 8.84 -0.01 -20.78
CA GLU B 155 9.27 1.09 -21.69
C GLU B 155 10.77 1.10 -21.86
N LYS B 156 11.48 0.77 -20.79
CA LYS B 156 12.95 0.63 -20.82
C LYS B 156 13.37 -0.47 -21.79
N MET B 157 12.48 -1.45 -21.99
CA MET B 157 12.74 -2.57 -22.89
C MET B 157 12.20 -2.28 -24.30
N GLY B 158 11.94 -1.01 -24.60
CA GLY B 158 11.47 -0.59 -25.92
C GLY B 158 9.98 -0.62 -26.18
N ALA B 159 9.17 -0.90 -25.16
CA ALA B 159 7.73 -0.95 -25.37
C ALA B 159 7.10 0.43 -25.50
N ASN B 160 6.11 0.52 -26.38
CA ASN B 160 5.38 1.76 -26.61
C ASN B 160 4.06 1.60 -25.88
N ILE B 161 3.85 2.43 -24.85
CA ILE B 161 2.63 2.39 -24.06
C ILE B 161 1.78 3.63 -24.28
N GLN B 162 0.47 3.44 -24.32
CA GLN B 162 -0.49 4.51 -24.52
C GLN B 162 -1.85 4.20 -23.93
N ILE B 163 -2.55 5.27 -23.53
CA ILE B 163 -3.89 5.19 -22.98
C ILE B 163 -4.82 5.91 -23.96
N LYS B 164 -5.67 5.17 -24.66
CA LYS B 164 -6.51 5.79 -25.70
C LYS B 164 -8.02 5.56 -25.71
N GLN B 165 -8.51 4.41 -25.20
CA GLN B 165 -9.96 4.08 -25.23
C GLN B 165 -10.49 3.55 -23.88
N GLY B 166 -9.83 3.90 -22.77
CA GLY B 166 -10.19 3.34 -21.45
C GLY B 166 -9.29 2.13 -21.12
N TYR B 167 -8.43 1.77 -22.08
CA TYR B 167 -7.48 0.69 -21.93
C TYR B 167 -6.06 1.20 -22.06
N VAL B 168 -5.14 0.38 -21.56
CA VAL B 168 -3.72 0.63 -21.69
C VAL B 168 -3.27 -0.32 -22.81
N VAL B 169 -2.66 0.24 -23.85
CA VAL B 169 -2.26 -0.51 -25.01
C VAL B 169 -0.76 -0.50 -25.09
N ALA B 170 -0.17 -1.68 -24.88
CA ALA B 170 1.28 -1.85 -24.98
C ALA B 170 1.62 -2.53 -26.30
N SER B 171 2.75 -2.14 -26.89
CA SER B 171 3.18 -2.68 -28.15
C SER B 171 4.68 -2.50 -28.37
N GLY B 172 5.20 -3.20 -29.38
CA GLY B 172 6.61 -3.16 -29.74
C GLY B 172 7.35 -4.42 -29.33
N ASN B 173 8.54 -4.59 -29.92
CA ASN B 173 9.41 -5.74 -29.64
C ASN B 173 10.29 -5.40 -28.46
N LEU B 174 10.40 -6.32 -27.51
CA LEU B 174 11.21 -6.10 -26.31
C LEU B 174 12.69 -6.43 -26.49
N LYS B 175 13.53 -5.56 -25.95
CA LYS B 175 14.99 -5.68 -26.00
C LYS B 175 15.55 -5.56 -24.58
N GLY B 176 16.67 -6.23 -24.32
CA GLY B 176 17.27 -6.24 -23.00
C GLY B 176 17.77 -4.89 -22.56
N ASN B 177 17.73 -4.64 -21.25
CA ASN B 177 18.20 -3.39 -20.72
C ASN B 177 18.40 -3.52 -19.21
N GLU B 178 19.04 -2.53 -18.61
CA GLU B 178 19.28 -2.53 -17.18
C GLU B 178 18.06 -1.91 -16.53
N ILE B 179 17.40 -2.66 -15.66
CA ILE B 179 16.20 -2.20 -15.01
C ILE B 179 16.31 -2.23 -13.50
N LEU B 180 15.94 -1.11 -12.88
CA LEU B 180 15.99 -0.95 -11.45
C LEU B 180 14.59 -0.99 -10.88
N PHE B 181 14.36 -1.81 -9.86
CA PHE B 181 13.05 -1.84 -9.20
C PHE B 181 13.03 -0.76 -8.12
N ASP B 182 12.06 0.14 -8.23
CA ASP B 182 11.88 1.27 -7.30
C ASP B 182 11.70 0.75 -5.88
N LYS B 183 11.07 -0.41 -5.75
CA LYS B 183 10.91 -1.06 -4.46
C LYS B 183 10.93 -2.58 -4.64
N ILE B 184 11.22 -3.31 -3.57
CA ILE B 184 11.26 -4.76 -3.63
C ILE B 184 9.85 -5.25 -3.92
N THR B 185 9.64 -5.83 -5.09
CA THR B 185 8.33 -6.34 -5.43
C THR B 185 8.44 -7.76 -5.96
N VAL B 186 7.72 -8.66 -5.31
CA VAL B 186 7.71 -10.07 -5.69
C VAL B 186 7.06 -10.26 -7.06
N THR B 187 5.87 -9.72 -7.27
CA THR B 187 5.19 -9.91 -8.56
C THR B 187 5.84 -9.14 -9.70
N GLY B 188 6.34 -7.94 -9.41
CA GLY B 188 7.02 -7.14 -10.41
C GLY B 188 8.23 -7.84 -10.93
N SER B 189 8.99 -8.46 -10.02
CA SER B 189 10.17 -9.23 -10.39
C SER B 189 9.78 -10.36 -11.34
N GLU B 190 8.81 -11.15 -10.92
CA GLU B 190 8.34 -12.28 -11.70
C GLU B 190 7.83 -11.86 -13.07
N ASN B 191 7.10 -10.74 -13.11
CA ASN B 191 6.53 -10.20 -14.35
C ASN B 191 7.64 -9.76 -15.31
N ILE B 192 8.68 -9.10 -14.80
CA ILE B 192 9.78 -8.63 -15.64
C ILE B 192 10.80 -9.75 -15.97
N ILE B 193 10.96 -10.70 -15.06
CA ILE B 193 11.82 -11.86 -15.33
C ILE B 193 11.27 -12.61 -16.57
N MET B 194 9.97 -12.79 -16.63
CA MET B 194 9.34 -13.49 -17.77
C MET B 194 9.39 -12.66 -19.05
N ALA B 195 9.32 -11.33 -18.93
CA ALA B 195 9.43 -10.47 -20.13
C ALA B 195 10.85 -10.54 -20.70
N ALA B 196 11.84 -10.41 -19.81
CA ALA B 196 13.26 -10.47 -20.19
C ALA B 196 13.62 -11.80 -20.84
N ALA B 197 12.98 -12.88 -20.40
CA ALA B 197 13.22 -14.22 -20.93
C ALA B 197 13.14 -14.32 -22.45
N LEU B 198 12.19 -13.63 -23.06
CA LEU B 198 12.01 -13.64 -24.54
C LEU B 198 12.53 -12.42 -25.28
N ALA B 199 12.93 -11.38 -24.56
CA ALA B 199 13.40 -10.16 -25.21
C ALA B 199 14.72 -10.37 -25.95
N LYS B 200 15.08 -9.40 -26.77
CA LYS B 200 16.32 -9.45 -27.53
C LYS B 200 17.46 -8.99 -26.68
N GLY B 201 18.47 -9.85 -26.50
CA GLY B 201 19.66 -9.47 -25.74
C GLY B 201 19.63 -9.67 -24.26
N LYS B 202 20.63 -9.08 -23.61
CA LYS B 202 20.81 -9.18 -22.17
C LYS B 202 20.08 -8.11 -21.36
N THR B 203 19.41 -8.59 -20.30
CA THR B 203 18.70 -7.78 -19.34
C THR B 203 19.43 -7.92 -18.02
N LYS B 204 19.50 -6.82 -17.27
CA LYS B 204 20.10 -6.82 -15.96
C LYS B 204 19.06 -6.20 -15.03
N LEU B 205 18.69 -6.94 -13.99
CA LEU B 205 17.70 -6.52 -13.02
C LEU B 205 18.40 -6.20 -11.70
N LEU B 206 18.00 -5.09 -11.07
CA LEU B 206 18.59 -4.61 -9.83
C LEU B 206 17.53 -4.41 -8.77
N ASN B 207 17.88 -4.70 -7.52
CA ASN B 207 16.96 -4.60 -6.37
C ASN B 207 15.82 -5.63 -6.60
N VAL B 208 16.23 -6.85 -6.93
CA VAL B 208 15.30 -7.94 -7.19
C VAL B 208 14.89 -8.62 -5.88
N ALA B 209 13.62 -8.95 -5.74
CA ALA B 209 13.14 -9.67 -4.55
C ALA B 209 13.81 -11.05 -4.48
N LYS B 210 14.22 -11.46 -3.29
CA LYS B 210 14.90 -12.72 -3.07
C LYS B 210 14.01 -13.87 -2.57
N GLU B 211 12.69 -13.65 -2.50
CA GLU B 211 11.78 -14.69 -2.02
C GLU B 211 11.95 -16.05 -2.76
N PRO B 212 11.77 -17.19 -2.04
CA PRO B 212 11.92 -18.51 -2.71
C PRO B 212 10.98 -18.70 -3.90
N GLU B 213 9.87 -17.98 -3.91
CA GLU B 213 8.93 -18.01 -5.02
C GLU B 213 9.59 -17.47 -6.30
N VAL B 214 10.33 -16.37 -6.17
CA VAL B 214 11.06 -15.77 -7.30
C VAL B 214 12.19 -16.71 -7.69
N VAL B 215 12.89 -17.25 -6.70
CA VAL B 215 13.98 -18.18 -6.97
C VAL B 215 13.51 -19.39 -7.79
N GLN B 216 12.36 -19.98 -7.44
CA GLN B 216 11.88 -21.15 -8.20
C GLN B 216 11.62 -20.77 -9.65
N LEU B 217 10.97 -19.63 -9.89
CA LEU B 217 10.70 -19.19 -11.25
C LEU B 217 11.99 -19.21 -12.05
N CYS B 218 13.02 -18.56 -11.53
CA CYS B 218 14.32 -18.53 -12.21
C CYS B 218 14.90 -19.94 -12.47
N GLU B 219 14.82 -20.82 -11.46
CA GLU B 219 15.34 -22.19 -11.56
C GLU B 219 14.65 -22.98 -12.69
N VAL B 220 13.33 -22.86 -12.76
CA VAL B 220 12.55 -23.51 -13.80
C VAL B 220 12.96 -23.01 -15.19
N LEU B 221 13.10 -21.69 -15.35
CA LEU B 221 13.50 -21.11 -16.64
C LEU B 221 14.93 -21.55 -17.00
N LYS B 222 15.81 -21.64 -16.00
CA LYS B 222 17.18 -22.07 -16.21
C LYS B 222 17.19 -23.53 -16.67
N ASP B 223 16.39 -24.33 -16.00
CA ASP B 223 16.27 -25.73 -16.32
C ASP B 223 15.65 -25.91 -17.71
N ALA B 224 14.89 -24.91 -18.13
CA ALA B 224 14.25 -24.90 -19.43
C ALA B 224 15.12 -24.35 -20.56
N GLY B 225 16.38 -24.02 -20.27
CA GLY B 225 17.32 -23.56 -21.28
C GLY B 225 17.73 -22.08 -21.32
N LEU B 226 17.23 -21.28 -20.38
CA LEU B 226 17.53 -19.85 -20.36
C LEU B 226 18.79 -19.54 -19.58
N GLU B 227 19.63 -18.69 -20.14
CA GLU B 227 20.87 -18.27 -19.47
C GLU B 227 20.52 -17.20 -18.43
N ILE B 228 20.65 -17.56 -17.15
CA ILE B 228 20.35 -16.62 -16.06
C ILE B 228 21.38 -16.75 -14.95
N LYS B 229 21.91 -15.62 -14.49
CA LYS B 229 22.92 -15.58 -13.43
C LYS B 229 22.46 -14.72 -12.25
N GLY B 230 22.96 -15.03 -11.07
CA GLY B 230 22.62 -14.33 -9.84
C GLY B 230 21.39 -14.87 -9.11
N ILE B 231 20.92 -16.05 -9.49
CA ILE B 231 19.74 -16.65 -8.85
C ILE B 231 19.91 -16.64 -7.33
N GLY B 232 18.87 -16.16 -6.65
CA GLY B 232 18.85 -16.07 -5.19
C GLY B 232 19.36 -14.76 -4.66
N THR B 233 20.03 -13.98 -5.49
CA THR B 233 20.55 -12.69 -5.07
C THR B 233 19.56 -11.63 -5.53
N ASP B 234 19.85 -10.39 -5.17
CA ASP B 234 19.01 -9.25 -5.56
C ASP B 234 19.45 -8.64 -6.90
N GLU B 235 20.27 -9.35 -7.65
CA GLU B 235 20.74 -8.84 -8.92
C GLU B 235 20.85 -9.97 -9.94
N LEU B 236 19.99 -9.91 -10.96
CA LEU B 236 19.92 -10.93 -12.01
C LEU B 236 20.41 -10.43 -13.35
N GLU B 237 20.95 -11.36 -14.13
CA GLU B 237 21.45 -11.13 -15.47
C GLU B 237 20.78 -12.18 -16.35
N ILE B 238 19.97 -11.70 -17.29
CA ILE B 238 19.20 -12.57 -18.18
C ILE B 238 19.51 -12.34 -19.65
N TYR B 239 19.89 -13.42 -20.33
CA TYR B 239 20.17 -13.39 -21.75
C TYR B 239 18.89 -13.88 -22.40
N GLY B 240 18.16 -12.96 -23.01
CA GLY B 240 16.88 -13.27 -23.64
C GLY B 240 16.98 -14.15 -24.87
N SER B 241 15.99 -15.03 -25.02
CA SER B 241 15.93 -15.98 -26.14
C SER B 241 15.50 -15.36 -27.48
N ASP B 242 15.35 -14.04 -27.53
CA ASP B 242 14.98 -13.30 -28.74
C ASP B 242 13.76 -13.90 -29.45
N GLY B 243 12.65 -14.04 -28.71
CA GLY B 243 11.40 -14.54 -29.27
C GLY B 243 11.22 -16.03 -29.33
N GLU B 244 12.28 -16.80 -29.05
CA GLU B 244 12.18 -18.26 -29.10
C GLU B 244 11.60 -18.77 -27.81
N LEU B 245 10.57 -19.60 -27.89
CA LEU B 245 9.96 -20.21 -26.71
C LEU B 245 10.89 -21.31 -26.15
N LEU B 246 10.67 -21.68 -24.90
CA LEU B 246 11.52 -22.65 -24.19
C LEU B 246 10.96 -24.04 -24.00
N GLU B 247 11.89 -24.99 -23.82
CA GLU B 247 11.58 -26.39 -23.56
C GLU B 247 11.46 -26.57 -22.05
N PHE B 248 10.24 -26.58 -21.52
CA PHE B 248 10.04 -26.78 -20.08
C PHE B 248 10.17 -28.26 -19.70
N LYS B 249 10.56 -28.46 -18.44
CA LYS B 249 10.70 -29.76 -17.85
C LYS B 249 9.77 -29.81 -16.65
N GLU B 250 9.30 -31.01 -16.33
CA GLU B 250 8.42 -31.23 -15.21
C GLU B 250 9.07 -30.82 -13.89
N PHE B 251 8.26 -30.31 -12.95
CA PHE B 251 8.76 -29.91 -11.64
C PHE B 251 7.63 -29.88 -10.63
N SER B 252 8.00 -29.77 -9.36
CA SER B 252 7.03 -29.64 -8.27
C SER B 252 7.13 -28.24 -7.65
N VAL B 253 5.98 -27.65 -7.36
CA VAL B 253 5.95 -26.30 -6.74
C VAL B 253 6.51 -26.47 -5.33
N ILE B 254 7.24 -25.47 -4.85
CA ILE B 254 7.85 -25.53 -3.52
C ILE B 254 6.80 -25.56 -2.42
N PRO B 255 7.15 -26.11 -1.23
CA PRO B 255 6.18 -26.11 -0.14
C PRO B 255 5.81 -24.70 0.30
N ASP B 256 4.60 -24.53 0.81
CA ASP B 256 4.09 -23.23 1.28
C ASP B 256 4.69 -22.89 2.65
N ARG B 257 5.76 -22.11 2.65
CA ARG B 257 6.43 -21.72 3.89
C ARG B 257 5.52 -21.03 4.93
N ILE B 258 4.57 -20.20 4.49
CA ILE B 258 3.65 -19.53 5.43
C ILE B 258 2.73 -20.55 6.09
N GLU B 259 2.16 -21.42 5.28
CA GLU B 259 1.32 -22.50 5.80
C GLU B 259 2.12 -23.29 6.85
N ALA B 260 3.35 -23.63 6.51
CA ALA B 260 4.22 -24.40 7.42
C ALA B 260 4.45 -23.64 8.71
N GLY B 261 4.71 -22.34 8.59
CA GLY B 261 4.96 -21.47 9.73
C GLY B 261 3.78 -21.45 10.67
N THR B 262 2.60 -21.37 10.08
CA THR B 262 1.35 -21.39 10.83
C THR B 262 1.15 -22.76 11.60
N TYR B 263 1.45 -23.90 10.98
CA TYR B 263 1.29 -25.20 11.72
C TYR B 263 2.29 -25.27 12.88
N LEU B 264 3.47 -24.68 12.69
CA LEU B 264 4.48 -24.63 13.73
C LEU B 264 3.99 -23.81 14.94
N CYS B 265 3.34 -22.66 14.67
CA CYS B 265 2.80 -21.82 15.73
C CYS B 265 1.68 -22.55 16.45
N ALA B 266 0.88 -23.29 15.69
CA ALA B 266 -0.17 -24.11 16.32
C ALA B 266 0.44 -25.09 17.34
N GLY B 267 1.55 -25.71 16.97
CA GLY B 267 2.24 -26.68 17.86
C GLY B 267 2.85 -25.99 19.07
N ALA B 268 3.34 -24.76 18.85
CA ALA B 268 3.98 -23.98 19.90
C ALA B 268 2.99 -23.39 20.89
N ILE B 269 1.93 -22.77 20.39
CA ILE B 269 0.93 -22.13 21.25
C ILE B 269 0.19 -23.15 22.13
N THR B 270 0.14 -24.40 21.69
CA THR B 270 -0.47 -25.48 22.49
C THR B 270 0.66 -26.20 23.23
N ASN B 271 1.89 -25.76 23.00
CA ASN B 271 3.09 -26.31 23.65
C ASN B 271 3.06 -27.84 23.48
N SER B 272 3.00 -28.23 22.21
CA SER B 272 2.89 -29.60 21.80
C SER B 272 3.89 -30.05 20.73
N LYS B 273 4.22 -31.33 20.82
CA LYS B 273 5.09 -32.03 19.88
C LYS B 273 4.30 -32.33 18.60
N ILE B 274 4.79 -31.84 17.47
CA ILE B 274 4.17 -32.06 16.14
C ILE B 274 5.25 -32.10 15.06
N THR B 275 4.86 -32.63 13.90
CA THR B 275 5.79 -32.82 12.80
C THR B 275 5.18 -32.44 11.47
N LEU B 276 5.99 -31.79 10.65
CA LEU B 276 5.56 -31.31 9.35
C LEU B 276 6.27 -32.06 8.24
N ASP B 277 5.51 -32.49 7.23
CA ASP B 277 6.05 -33.20 6.09
C ASP B 277 5.93 -32.41 4.79
N LYS B 278 6.82 -32.76 3.85
CA LYS B 278 6.89 -32.10 2.54
C LYS B 278 7.16 -30.59 2.73
N VAL B 279 8.12 -30.30 3.62
CA VAL B 279 8.50 -28.95 3.99
C VAL B 279 10.02 -28.69 3.88
N ASN B 280 10.36 -27.46 3.46
CA ASN B 280 11.76 -27.01 3.29
C ASN B 280 12.14 -25.99 4.38
N ALA B 281 12.93 -26.45 5.35
CA ALA B 281 13.41 -25.62 6.46
C ALA B 281 14.25 -24.42 6.02
N THR B 282 14.95 -24.56 4.90
CA THR B 282 15.80 -23.48 4.36
C THR B 282 15.00 -22.21 4.06
N HIS B 283 13.70 -22.36 3.79
CA HIS B 283 12.82 -21.22 3.52
C HIS B 283 12.15 -20.64 4.78
N LEU B 284 12.53 -21.10 5.98
CA LEU B 284 11.92 -20.66 7.25
C LEU B 284 12.96 -20.27 8.28
N SER B 285 14.13 -19.86 7.82
CA SER B 285 15.22 -19.54 8.70
C SER B 285 14.85 -18.56 9.82
N ALA B 286 14.29 -17.42 9.42
CA ALA B 286 13.92 -16.35 10.36
C ALA B 286 12.85 -16.81 11.34
N VAL B 287 11.89 -17.57 10.85
CA VAL B 287 10.81 -18.12 11.67
C VAL B 287 11.31 -19.15 12.70
N LEU B 288 12.23 -20.03 12.28
CA LEU B 288 12.76 -21.06 13.20
C LEU B 288 13.60 -20.41 14.28
N ALA B 289 14.34 -19.36 13.89
CA ALA B 289 15.19 -18.64 14.83
C ALA B 289 14.36 -18.00 15.95
N LYS B 290 13.21 -17.44 15.58
CA LYS B 290 12.34 -16.82 16.59
C LYS B 290 11.69 -17.88 17.48
N LEU B 291 11.22 -18.99 16.91
CA LEU B 291 10.68 -20.07 17.73
C LEU B 291 11.77 -20.55 18.72
N HIS B 292 13.03 -20.52 18.30
CA HIS B 292 14.12 -20.90 19.19
C HIS B 292 14.31 -19.86 20.30
N GLN B 293 14.20 -18.59 19.94
CA GLN B 293 14.33 -17.48 20.90
C GLN B 293 13.24 -17.56 21.97
N MET B 294 12.11 -18.20 21.63
CA MET B 294 10.98 -18.37 22.57
C MET B 294 11.05 -19.70 23.36
N GLY B 295 12.14 -20.45 23.23
CA GLY B 295 12.32 -21.70 23.97
C GLY B 295 11.98 -23.00 23.27
N PHE B 296 11.49 -22.92 22.04
CA PHE B 296 11.13 -24.14 21.30
C PHE B 296 12.28 -24.67 20.48
N GLU B 297 12.63 -25.93 20.69
CA GLU B 297 13.70 -26.53 19.90
C GLU B 297 13.10 -27.02 18.58
N THR B 298 13.88 -26.86 17.52
CA THR B 298 13.52 -27.31 16.18
C THR B 298 14.39 -28.54 15.90
N LEU B 299 13.92 -29.45 15.05
CA LEU B 299 14.69 -30.64 14.63
C LEU B 299 14.37 -30.94 13.18
N ILE B 300 15.36 -30.76 12.31
CA ILE B 300 15.17 -30.93 10.87
C ILE B 300 15.80 -32.19 10.31
N THR B 301 15.07 -32.86 9.42
CA THR B 301 15.57 -34.04 8.71
C THR B 301 15.03 -33.91 7.27
N GLU B 302 15.83 -33.21 6.46
CA GLU B 302 15.55 -32.84 5.07
C GLU B 302 14.14 -32.29 4.88
N ASP B 303 13.25 -33.00 4.16
CA ASP B 303 11.89 -32.53 3.91
C ASP B 303 10.92 -32.51 5.12
N SER B 304 11.42 -32.64 6.34
CA SER B 304 10.53 -32.66 7.50
C SER B 304 11.08 -31.85 8.69
N ILE B 305 10.17 -31.31 9.49
CA ILE B 305 10.50 -30.52 10.69
C ILE B 305 9.66 -31.04 11.83
N THR B 306 10.28 -31.14 13.01
CA THR B 306 9.61 -31.61 14.23
C THR B 306 9.83 -30.57 15.31
N LEU B 307 8.74 -30.12 15.92
CA LEU B 307 8.77 -29.09 16.96
C LEU B 307 8.65 -29.71 18.34
N LEU B 308 9.55 -29.37 19.25
CA LEU B 308 9.53 -29.87 20.62
C LEU B 308 9.04 -28.78 21.59
N PRO B 309 8.21 -29.17 22.61
CA PRO B 309 7.71 -28.21 23.59
C PRO B 309 8.81 -27.47 24.34
N ALA B 310 8.47 -26.33 24.92
CA ALA B 310 9.41 -25.51 25.68
C ALA B 310 9.13 -25.65 27.16
N LYS B 311 10.13 -25.40 28.01
CA LYS B 311 9.92 -25.45 29.45
C LYS B 311 9.01 -24.27 29.76
N GLU B 312 9.44 -23.09 29.34
CA GLU B 312 8.62 -21.89 29.47
C GLU B 312 8.70 -21.16 28.15
N ILE B 313 7.61 -20.53 27.78
CA ILE B 313 7.55 -19.78 26.55
C ILE B 313 8.12 -18.41 26.92
N LYS B 314 9.17 -18.01 26.20
CA LYS B 314 9.84 -16.74 26.47
C LYS B 314 9.41 -15.64 25.49
N PRO B 315 9.41 -14.37 25.94
CA PRO B 315 8.98 -13.26 25.07
C PRO B 315 9.91 -13.11 23.88
N VAL B 316 9.40 -12.47 22.83
CA VAL B 316 10.15 -12.28 21.60
C VAL B 316 10.05 -10.85 21.04
N GLU B 317 11.10 -10.44 20.32
CA GLU B 317 11.14 -9.13 19.67
C GLU B 317 11.22 -9.42 18.20
N ILE B 318 10.27 -8.88 17.44
CA ILE B 318 10.19 -9.12 16.00
C ILE B 318 10.08 -7.84 15.19
N MET B 319 10.84 -7.78 14.12
CA MET B 319 10.78 -6.66 13.18
C MET B 319 10.63 -7.28 11.81
N THR B 320 9.56 -6.92 11.11
CA THR B 320 9.33 -7.48 9.80
C THR B 320 10.24 -6.80 8.76
N SER B 321 10.60 -7.59 7.76
CA SER B 321 11.45 -7.15 6.68
C SER B 321 11.30 -8.11 5.50
N GLU B 322 11.92 -7.74 4.39
CA GLU B 322 11.87 -8.56 3.18
C GLU B 322 12.73 -9.79 3.37
N TYR B 323 12.40 -10.84 2.62
CA TYR B 323 13.11 -12.14 2.69
C TYR B 323 14.59 -11.90 2.48
N PRO B 324 15.49 -12.61 3.18
CA PRO B 324 15.19 -13.67 4.15
C PRO B 324 14.92 -13.26 5.60
N GLY B 325 14.52 -12.01 5.83
CA GLY B 325 14.20 -11.58 7.19
C GLY B 325 12.84 -12.11 7.64
N PHE B 326 12.39 -11.70 8.81
CA PHE B 326 11.12 -12.16 9.33
C PHE B 326 9.97 -11.69 8.43
N PRO B 327 9.14 -12.65 7.93
CA PRO B 327 8.05 -12.32 7.03
C PRO B 327 6.83 -11.70 7.68
N THR B 328 6.34 -10.62 7.10
CA THR B 328 5.13 -9.98 7.62
C THR B 328 3.97 -10.98 7.60
N ASP B 329 4.00 -11.94 6.69
CA ASP B 329 2.91 -12.96 6.61
C ASP B 329 2.87 -13.94 7.80
N MET B 330 3.83 -13.84 8.74
CA MET B 330 3.83 -14.68 9.96
C MET B 330 3.68 -13.85 11.23
N GLN B 331 3.69 -12.52 11.08
CA GLN B 331 3.57 -11.57 12.21
C GLN B 331 2.37 -11.79 13.11
N ALA B 332 1.20 -12.00 12.53
CA ALA B 332 0.00 -12.26 13.32
C ALA B 332 0.09 -13.58 14.10
N GLN B 333 0.58 -14.65 13.47
CA GLN B 333 0.69 -15.94 14.16
C GLN B 333 1.63 -15.87 15.35
N PHE B 334 2.62 -14.98 15.26
CA PHE B 334 3.57 -14.82 16.36
C PHE B 334 3.01 -13.94 17.48
N MET B 335 2.15 -12.99 17.10
CA MET B 335 1.48 -12.15 18.10
C MET B 335 0.60 -13.07 18.96
N ALA B 336 -0.05 -14.04 18.32
CA ALA B 336 -0.88 -14.99 19.07
C ALA B 336 -0.04 -15.81 20.03
N LEU B 337 1.09 -16.33 19.55
CA LEU B 337 1.99 -17.13 20.39
C LEU B 337 2.59 -16.30 21.54
N ALA B 338 2.90 -15.02 21.27
CA ALA B 338 3.46 -14.12 22.30
C ALA B 338 2.51 -13.92 23.49
N LEU B 339 1.23 -14.22 23.29
CA LEU B 339 0.23 -14.13 24.37
C LEU B 339 0.50 -15.19 25.46
N LYS B 340 1.13 -16.31 25.09
CA LYS B 340 1.50 -17.35 26.05
C LYS B 340 2.90 -17.17 26.66
N ALA B 341 3.70 -16.28 26.08
CA ALA B 341 5.05 -16.03 26.59
C ALA B 341 5.04 -15.39 27.97
N ASN B 342 6.01 -15.79 28.79
CA ASN B 342 6.11 -15.27 30.15
C ASN B 342 6.91 -13.97 30.13
N GLY B 343 6.24 -12.89 29.72
CA GLY B 343 6.87 -11.57 29.64
C GLY B 343 6.34 -10.74 28.49
N THR B 344 6.97 -9.60 28.27
CA THR B 344 6.57 -8.64 27.25
C THR B 344 7.29 -8.82 25.90
N SER B 345 6.50 -8.93 24.83
CA SER B 345 7.01 -9.08 23.46
C SER B 345 6.80 -7.80 22.66
N ILE B 346 7.59 -7.63 21.61
CA ILE B 346 7.47 -6.45 20.75
C ILE B 346 7.49 -6.86 19.29
N ILE B 347 6.54 -6.33 18.52
CA ILE B 347 6.39 -6.60 17.07
C ILE B 347 6.34 -5.26 16.31
N ASP B 348 7.37 -5.04 15.48
CA ASP B 348 7.54 -3.81 14.69
C ASP B 348 7.21 -4.06 13.22
N GLU B 349 6.05 -3.56 12.78
CA GLU B 349 5.56 -3.69 11.40
C GLU B 349 5.72 -2.45 10.49
N ARG B 350 5.41 -2.68 9.20
CA ARG B 350 5.47 -1.66 8.14
C ARG B 350 4.09 -1.01 7.97
N LEU B 351 4.06 0.31 7.91
CA LEU B 351 2.80 1.04 7.73
C LEU B 351 2.36 0.94 6.27
N PHE B 352 2.09 -0.28 5.81
CA PHE B 352 1.67 -0.51 4.42
C PHE B 352 0.63 -1.63 4.33
N GLU B 353 -0.65 -1.22 4.30
CA GLU B 353 -1.85 -2.09 4.23
C GLU B 353 -2.27 -2.70 5.59
N ASN B 354 -2.87 -1.85 6.42
CA ASN B 354 -3.34 -2.19 7.78
C ASN B 354 -2.36 -3.05 8.57
N ARG B 355 -2.40 -4.36 8.32
CA ARG B 355 -1.52 -5.34 8.96
C ARG B 355 -1.88 -5.77 10.37
N PHE B 356 -2.59 -4.92 11.15
CA PHE B 356 -2.98 -5.31 12.51
C PHE B 356 -4.49 -5.50 12.68
N MET B 357 -5.17 -5.98 11.64
CA MET B 357 -6.63 -6.20 11.73
C MET B 357 -7.04 -7.20 12.80
N HIS B 358 -6.16 -8.12 13.11
CA HIS B 358 -6.41 -9.15 14.12
C HIS B 358 -6.40 -8.64 15.59
N VAL B 359 -5.80 -7.47 15.83
CA VAL B 359 -5.68 -6.95 17.22
C VAL B 359 -6.99 -6.80 18.02
N SER B 360 -7.99 -6.14 17.46
CA SER B 360 -9.28 -5.93 18.16
C SER B 360 -9.93 -7.23 18.64
N GLU B 361 -9.89 -8.25 17.79
CA GLU B 361 -10.48 -9.54 18.09
C GLU B 361 -9.73 -10.29 19.21
N LEU B 362 -8.41 -10.13 19.26
CA LEU B 362 -7.63 -10.75 20.32
C LEU B 362 -7.91 -10.04 21.65
N LEU B 363 -8.20 -8.74 21.62
CA LEU B 363 -8.53 -8.01 22.84
C LEU B 363 -9.78 -8.59 23.49
N ARG B 364 -10.73 -9.02 22.66
CA ARG B 364 -11.96 -9.60 23.21
C ARG B 364 -11.72 -11.00 23.80
N MET B 365 -10.54 -11.56 23.57
CA MET B 365 -10.18 -12.85 24.16
C MET B 365 -9.31 -12.59 25.41
N GLY B 366 -9.36 -11.35 25.93
CA GLY B 366 -8.61 -10.97 27.11
C GLY B 366 -7.14 -10.63 26.93
N ALA B 367 -6.67 -10.55 25.68
CA ALA B 367 -5.27 -10.23 25.41
C ALA B 367 -4.90 -8.80 25.81
N ASP B 368 -3.66 -8.61 26.28
CA ASP B 368 -3.15 -7.30 26.69
C ASP B 368 -2.20 -6.85 25.58
N ILE B 369 -2.76 -6.10 24.63
CA ILE B 369 -2.03 -5.63 23.47
C ILE B 369 -2.24 -4.13 23.30
N LYS B 370 -1.15 -3.38 23.13
CA LYS B 370 -1.20 -1.94 22.90
C LYS B 370 -0.45 -1.58 21.60
N LEU B 371 -1.11 -0.80 20.74
CA LEU B 371 -0.52 -0.30 19.52
C LEU B 371 -0.05 1.14 19.66
N ASN B 372 1.21 1.38 19.29
N ASN B 372 1.23 1.35 19.35
CA ASN B 372 1.82 2.68 19.35
CA ASN B 372 1.84 2.66 19.34
C ASN B 372 2.40 2.93 17.97
C ASN B 372 2.38 2.86 17.95
N GLY B 373 1.56 3.42 17.08
CA GLY B 373 1.93 3.66 15.70
C GLY B 373 1.99 2.34 14.95
N HIS B 374 3.20 1.91 14.65
CA HIS B 374 3.44 0.68 13.90
C HIS B 374 4.04 -0.43 14.75
N ILE B 375 4.05 -0.26 16.08
CA ILE B 375 4.66 -1.20 17.00
C ILE B 375 3.65 -1.69 18.02
N ALA B 376 3.52 -3.02 18.12
CA ALA B 376 2.61 -3.65 19.08
C ALA B 376 3.38 -4.22 20.26
N THR B 377 2.93 -3.89 21.46
CA THR B 377 3.55 -4.39 22.69
C THR B 377 2.62 -5.46 23.25
N ILE B 378 3.09 -6.68 23.42
CA ILE B 378 2.26 -7.77 23.94
C ILE B 378 2.70 -8.12 25.37
N VAL B 379 1.77 -8.13 26.32
CA VAL B 379 2.10 -8.51 27.68
C VAL B 379 1.49 -9.90 27.86
N GLY B 380 2.29 -10.93 27.59
CA GLY B 380 1.85 -12.31 27.69
C GLY B 380 1.77 -12.79 29.12
N GLY B 381 1.07 -13.91 29.31
CA GLY B 381 0.90 -14.50 30.63
C GLY B 381 -0.56 -14.63 31.01
N LYS B 382 -1.37 -13.61 30.69
CA LYS B 382 -2.80 -13.65 30.95
C LYS B 382 -3.42 -14.90 30.35
N GLU B 383 -4.43 -15.44 31.02
CA GLU B 383 -5.16 -16.56 30.47
C GLU B 383 -6.11 -15.96 29.42
N LEU B 384 -6.17 -16.58 28.25
CA LEU B 384 -7.06 -16.12 27.20
C LEU B 384 -8.41 -16.79 27.37
N ASN B 385 -9.46 -16.04 27.09
CA ASN B 385 -10.81 -16.55 27.19
C ASN B 385 -11.38 -16.66 25.78
N ALA B 386 -12.25 -17.63 25.57
CA ALA B 386 -12.86 -17.83 24.25
C ALA B 386 -13.82 -16.69 23.92
N ALA B 387 -14.06 -16.49 22.62
CA ALA B 387 -14.95 -15.42 22.17
C ALA B 387 -15.41 -15.59 20.72
N ASP B 388 -16.36 -14.75 20.34
CA ASP B 388 -16.88 -14.68 19.00
C ASP B 388 -16.05 -13.61 18.29
N VAL B 389 -15.24 -14.03 17.32
CA VAL B 389 -14.36 -13.10 16.59
C VAL B 389 -14.63 -13.07 15.09
N MET B 390 -14.34 -11.91 14.49
CA MET B 390 -14.53 -11.69 13.06
C MET B 390 -13.16 -11.67 12.38
N ALA B 391 -12.88 -12.67 11.55
CA ALA B 391 -11.62 -12.76 10.83
C ALA B 391 -11.62 -11.76 9.68
N THR B 392 -10.44 -11.43 9.18
CA THR B 392 -10.29 -10.48 8.06
C THR B 392 -9.46 -11.11 6.94
N ASP B 393 -8.19 -10.75 6.81
CA ASP B 393 -7.35 -11.33 5.75
C ASP B 393 -6.84 -12.71 6.18
N LEU B 394 -6.07 -13.36 5.31
CA LEU B 394 -5.52 -14.69 5.59
C LEU B 394 -4.66 -14.65 6.84
N ARG B 395 -3.81 -13.63 6.92
CA ARG B 395 -2.87 -13.43 8.02
C ARG B 395 -3.59 -13.40 9.36
N ALA B 396 -4.58 -12.51 9.47
CA ALA B 396 -5.37 -12.37 10.70
C ALA B 396 -6.14 -13.63 11.01
N SER B 397 -6.69 -14.26 9.97
CA SER B 397 -7.46 -15.49 10.13
C SER B 397 -6.66 -16.60 10.78
N SER B 398 -5.39 -16.72 10.40
CA SER B 398 -4.51 -17.74 10.95
C SER B 398 -4.28 -17.47 12.45
N ALA B 399 -4.04 -16.21 12.78
CA ALA B 399 -3.80 -15.80 14.17
C ALA B 399 -4.95 -16.09 15.13
N LEU B 400 -6.19 -15.89 14.68
CA LEU B 400 -7.35 -16.11 15.52
C LEU B 400 -7.60 -17.59 15.82
N ILE B 401 -7.31 -18.45 14.84
CA ILE B 401 -7.45 -19.90 15.02
C ILE B 401 -6.45 -20.37 16.07
N LEU B 402 -5.22 -19.87 15.98
CA LEU B 402 -4.19 -20.22 16.94
C LEU B 402 -4.59 -19.80 18.35
N ALA B 403 -5.02 -18.54 18.51
CA ALA B 403 -5.43 -18.02 19.82
C ALA B 403 -6.55 -18.85 20.44
N ALA B 404 -7.50 -19.22 19.58
CA ALA B 404 -8.64 -20.06 19.97
C ALA B 404 -8.20 -21.42 20.54
N LEU B 405 -7.19 -22.03 19.93
CA LEU B 405 -6.69 -23.34 20.37
C LEU B 405 -6.12 -23.29 21.80
N ALA B 406 -5.56 -22.13 22.18
CA ALA B 406 -4.98 -21.95 23.51
C ALA B 406 -5.89 -21.29 24.55
N ALA B 407 -7.00 -20.69 24.10
CA ALA B 407 -7.93 -20.01 25.02
C ALA B 407 -8.82 -20.99 25.77
N LYS B 408 -9.41 -20.53 26.87
CA LYS B 408 -10.31 -21.36 27.66
C LYS B 408 -11.74 -21.15 27.13
N GLY B 409 -12.43 -22.26 26.89
CA GLY B 409 -13.80 -22.23 26.38
C GLY B 409 -13.83 -22.55 24.90
N THR B 410 -14.98 -22.35 24.29
CA THR B 410 -15.18 -22.60 22.87
C THR B 410 -15.37 -21.29 22.10
N SER B 411 -14.44 -21.00 21.18
CA SER B 411 -14.48 -19.78 20.36
C SER B 411 -15.20 -20.02 19.05
N LYS B 412 -15.55 -18.93 18.38
CA LYS B 412 -16.23 -18.97 17.11
C LYS B 412 -15.56 -17.94 16.21
N VAL B 413 -14.99 -18.40 15.10
CA VAL B 413 -14.31 -17.54 14.12
C VAL B 413 -15.17 -17.33 12.88
N HIS B 414 -15.75 -16.13 12.76
CA HIS B 414 -16.61 -15.77 11.63
C HIS B 414 -15.83 -15.15 10.46
N ARG B 415 -16.54 -14.86 9.35
CA ARG B 415 -15.95 -14.26 8.12
C ARG B 415 -14.67 -14.97 7.64
N ILE B 416 -14.77 -16.26 7.37
CA ILE B 416 -13.59 -17.04 6.94
C ILE B 416 -13.41 -17.13 5.41
N TYR B 417 -13.90 -16.11 4.71
CA TYR B 417 -13.81 -16.04 3.25
C TYR B 417 -12.38 -16.03 2.76
N HIS B 418 -11.52 -15.21 3.38
CA HIS B 418 -10.12 -15.16 2.95
C HIS B 418 -9.34 -16.39 3.31
N LEU B 419 -9.77 -17.09 4.34
CA LEU B 419 -9.09 -18.31 4.77
C LEU B 419 -9.34 -19.48 3.81
N ASP B 420 -10.59 -19.63 3.37
CA ASP B 420 -10.95 -20.72 2.46
C ASP B 420 -10.34 -20.56 1.07
N ARG B 421 -10.17 -19.31 0.65
CA ARG B 421 -9.55 -19.03 -0.66
C ARG B 421 -8.03 -19.16 -0.60
N GLY B 422 -7.50 -19.28 0.61
CA GLY B 422 -6.06 -19.42 0.81
C GLY B 422 -5.60 -20.84 1.09
N TYR B 423 -6.42 -21.64 1.78
CA TYR B 423 -6.07 -23.02 2.08
C TYR B 423 -7.21 -24.00 1.80
N GLU B 424 -6.81 -25.15 1.26
CA GLU B 424 -7.68 -26.27 0.95
C GLU B 424 -7.58 -27.22 2.15
N ASN B 425 -8.61 -28.06 2.34
CA ASN B 425 -8.66 -29.05 3.43
C ASN B 425 -8.03 -28.55 4.74
N LEU B 426 -8.41 -27.35 5.18
CA LEU B 426 -7.82 -26.79 6.39
C LEU B 426 -8.32 -27.51 7.65
N GLU B 427 -9.60 -27.91 7.64
CA GLU B 427 -10.16 -28.62 8.78
C GLU B 427 -9.48 -29.97 8.95
N GLU B 428 -9.38 -30.70 7.82
CA GLU B 428 -8.80 -32.04 7.79
C GLU B 428 -7.39 -32.08 8.38
N LYS B 429 -6.60 -31.03 8.14
CA LYS B 429 -5.24 -30.98 8.65
C LYS B 429 -5.22 -30.76 10.16
N PHE B 430 -6.01 -29.79 10.65
CA PHE B 430 -6.10 -29.54 12.09
C PHE B 430 -6.72 -30.72 12.82
N LYS B 431 -7.72 -31.34 12.19
CA LYS B 431 -8.38 -32.53 12.75
C LYS B 431 -7.35 -33.65 12.95
N ASP B 432 -6.53 -33.90 11.93
CA ASP B 432 -5.52 -34.97 12.02
C ASP B 432 -4.44 -34.70 13.08
N LEU B 433 -4.28 -33.44 13.47
CA LEU B 433 -3.35 -33.05 14.52
C LEU B 433 -4.02 -33.16 15.90
N GLY B 434 -5.33 -33.42 15.92
CA GLY B 434 -6.09 -33.58 17.17
C GLY B 434 -6.94 -32.39 17.61
N ALA B 435 -6.92 -31.29 16.85
CA ALA B 435 -7.69 -30.09 17.22
C ALA B 435 -9.20 -30.31 17.11
N LYS B 436 -9.94 -29.75 18.06
CA LYS B 436 -11.40 -29.88 18.07
C LYS B 436 -12.01 -28.67 17.36
N ILE B 437 -12.11 -28.80 16.04
CA ILE B 437 -12.63 -27.75 15.15
C ILE B 437 -13.77 -28.33 14.35
N THR B 438 -14.79 -27.50 14.10
CA THR B 438 -15.94 -27.89 13.33
C THR B 438 -16.52 -26.69 12.59
N ARG B 439 -16.95 -26.90 11.35
CA ARG B 439 -17.55 -25.86 10.55
C ARG B 439 -19.06 -25.92 10.68
N LEU B 440 -19.67 -24.78 10.93
CA LEU B 440 -21.12 -24.66 11.07
C LEU B 440 -21.64 -23.58 10.12
N GLU B 441 -22.92 -23.69 9.75
CA GLU B 441 -23.55 -22.73 8.85
C GLU B 441 -23.88 -21.47 9.64
N GLU B 442 -23.46 -20.31 9.11
CA GLU B 442 -23.67 -19.00 9.75
C GLU B 442 -25.16 -18.73 9.95
CL CL C . -8.32 18.57 23.56
#